data_6OAW
#
_entry.id   6OAW
#
_cell.length_a   76.768
_cell.length_b   95.294
_cell.length_c   77.337
_cell.angle_alpha   90.000
_cell.angle_beta   112.760
_cell.angle_gamma   90.000
#
_symmetry.space_group_name_H-M   'P 1 21 1'
#
loop_
_entity.id
_entity.type
_entity.pdbx_description
1 polymer WYL1
2 non-polymer 'UNKNOWN LIGAND'
3 water water
#
_entity_poly.entity_id   1
_entity_poly.type   'polypeptide(L)'
_entity_poly.pdbx_seq_one_letter_code
;G(MSE)LIPPSTFLPKRDKNVPYIAEVQSIPLSPSAYSVIIKDKSIFETSLSPNGSVS(MSE)SSFLTSIFDSAYIASLK
YKSDDNYKYIGIPLLNAFVEWQIEEIDDSLDDKSKEIIKSYLISKLSAKYEKTKTENAVRVRLSICRDLYDTLSSDDLYY
ENKVYSLTLRRFLKAVYEDYALLSDCERERLIFADNIIKINEVIKQNGSRYYSFIYAYSN(MSE)YSREKRRIRLIPYRI
VSDEYK(MSE)YNYLVCLSDEKSAGKEFKADSYRISRLSGLSIAEKLSQKEYSSVTEYERLKEGHVKSVKHLLSDPRFGS
DESDISKVYLTEKGVE(MSE)FRKILYQRPILKGNEKPKPNTVNEFISPPIQVKYYFNKFGKDGVILSPSDSFEE(MSE)
RTLYVEGADAYNREVE(MSE)
;
_entity_poly.pdbx_strand_id   A,B
#
# COMPACT_ATOMS: atom_id res chain seq x y z
CA ILE A 4 -15.54 36.15 -16.68
C ILE A 4 -14.97 35.10 -15.72
N PRO A 5 -15.64 33.93 -15.56
CA PRO A 5 -15.31 32.98 -14.50
C PRO A 5 -14.10 32.09 -14.79
N PRO A 6 -13.37 31.63 -13.74
CA PRO A 6 -12.10 30.92 -13.94
C PRO A 6 -12.34 29.66 -14.78
N SER A 7 -11.36 29.35 -15.63
CA SER A 7 -11.38 28.21 -16.57
C SER A 7 -10.34 27.17 -16.13
N THR A 8 -9.29 27.60 -15.44
CA THR A 8 -8.12 26.78 -15.05
C THR A 8 -7.92 26.81 -13.54
N PHE A 9 -7.16 25.85 -13.01
CA PHE A 9 -6.82 25.72 -11.57
C PHE A 9 -6.21 27.02 -11.05
N LEU A 10 -5.33 27.62 -11.85
CA LEU A 10 -4.62 28.89 -11.54
C LEU A 10 -4.77 29.81 -12.73
N PRO A 11 -4.84 31.13 -12.50
CA PRO A 11 -4.99 32.07 -13.61
C PRO A 11 -3.64 32.16 -14.34
N LYS A 12 -3.66 32.50 -15.62
CA LYS A 12 -2.45 32.79 -16.42
C LYS A 12 -1.74 33.97 -15.73
N ARG A 13 -0.43 33.91 -15.56
CA ARG A 13 0.35 35.01 -14.93
C ARG A 13 0.86 35.98 -16.02
N ASP A 14 1.01 37.25 -15.71
CA ASP A 14 1.81 38.21 -16.50
C ASP A 14 3.27 37.72 -16.48
N LYS A 15 3.77 37.20 -17.60
CA LYS A 15 5.19 36.76 -17.73
C LYS A 15 6.16 37.95 -17.74
N ASN A 16 5.67 39.19 -17.81
CA ASN A 16 6.55 40.39 -17.71
C ASN A 16 6.96 40.67 -16.26
N VAL A 17 6.28 40.07 -15.29
CA VAL A 17 6.53 40.29 -13.84
C VAL A 17 7.41 39.15 -13.34
N PRO A 18 8.50 39.42 -12.58
CA PRO A 18 9.28 38.35 -11.98
C PRO A 18 8.36 37.34 -11.28
N TYR A 19 8.64 36.04 -11.41
CA TYR A 19 7.82 34.96 -10.82
C TYR A 19 8.07 34.88 -9.29
N ILE A 20 7.01 34.82 -8.51
CA ILE A 20 7.10 34.47 -7.06
C ILE A 20 6.35 33.16 -6.90
N ALA A 21 7.05 32.11 -6.45
CA ALA A 21 6.48 30.79 -6.11
C ALA A 21 5.46 30.98 -4.98
N GLU A 22 4.18 30.74 -5.25
CA GLU A 22 3.13 30.70 -4.21
C GLU A 22 3.08 29.26 -3.65
N VAL A 23 2.73 29.13 -2.36
CA VAL A 23 2.68 27.85 -1.61
C VAL A 23 1.24 27.39 -1.53
N GLN A 24 0.98 26.15 -1.96
CA GLN A 24 -0.31 25.46 -1.85
C GLN A 24 -0.21 24.44 -0.71
N SER A 25 -1.12 24.56 0.27
CA SER A 25 -1.33 23.65 1.40
C SER A 25 -2.12 22.46 0.89
N ILE A 26 -1.53 21.26 0.92
CA ILE A 26 -2.23 20.03 0.45
C ILE A 26 -2.45 19.17 1.67
N PRO A 27 -3.72 18.86 2.01
CA PRO A 27 -4.04 17.98 3.12
C PRO A 27 -3.98 16.52 2.65
N LEU A 28 -2.98 15.81 3.15
CA LEU A 28 -2.71 14.40 2.81
C LEU A 28 -3.08 13.55 4.01
N SER A 29 -3.66 12.39 3.74
CA SER A 29 -3.90 11.33 4.75
C SER A 29 -2.55 11.04 5.40
N PRO A 30 -2.52 10.71 6.70
CA PRO A 30 -1.29 10.29 7.35
C PRO A 30 -0.63 9.14 6.57
N SER A 31 -1.42 8.25 5.95
CA SER A 31 -0.87 7.04 5.28
C SER A 31 -0.12 7.46 4.02
N ALA A 32 -0.70 8.37 3.23
CA ALA A 32 -0.06 8.93 2.02
C ALA A 32 1.20 9.70 2.40
N TYR A 33 1.15 10.55 3.43
CA TYR A 33 2.33 11.33 3.84
C TYR A 33 3.48 10.37 4.20
N SER A 34 3.18 9.32 4.96
CA SER A 34 4.21 8.38 5.44
C SER A 34 4.85 7.63 4.25
N VAL A 35 4.06 7.25 3.25
CA VAL A 35 4.59 6.61 2.00
C VAL A 35 5.53 7.60 1.27
N ILE A 36 5.12 8.85 1.12
CA ILE A 36 5.89 9.89 0.38
C ILE A 36 7.19 10.24 1.11
N ILE A 37 7.21 10.45 2.43
CA ILE A 37 8.48 10.75 3.16
C ILE A 37 9.42 9.54 3.10
N LYS A 38 8.96 8.33 3.31
CA LYS A 38 9.78 7.12 3.05
C LYS A 38 10.33 7.15 1.59
N ASP A 39 9.51 7.35 0.56
CA ASP A 39 9.99 7.33 -0.86
C ASP A 39 11.07 8.39 -1.03
N LYS A 40 10.89 9.57 -0.46
CA LYS A 40 11.83 10.70 -0.60
C LYS A 40 13.17 10.31 0.01
N SER A 41 13.17 9.73 1.22
CA SER A 41 14.40 9.26 1.90
C SER A 41 15.12 8.21 1.07
N ILE A 42 14.36 7.30 0.49
CA ILE A 42 14.94 6.23 -0.36
C ILE A 42 15.43 6.84 -1.68
N PHE A 43 14.69 7.73 -2.30
CA PHE A 43 15.21 8.37 -3.54
C PHE A 43 16.56 9.08 -3.24
N GLU A 44 16.63 9.82 -2.15
CA GLU A 44 17.83 10.63 -1.81
C GLU A 44 19.09 9.74 -1.73
N THR A 45 18.97 8.48 -1.33
CA THR A 45 20.10 7.49 -1.26
C THR A 45 20.62 7.19 -2.68
N SER A 46 19.89 7.55 -3.75
CA SER A 46 20.43 7.49 -5.15
C SER A 46 21.40 8.66 -5.41
N LEU A 47 21.30 9.79 -4.69
CA LEU A 47 22.13 11.00 -4.92
C LEU A 47 23.55 10.85 -4.33
N SER A 48 24.42 11.83 -4.61
CA SER A 48 25.78 12.04 -4.02
C SER A 48 25.70 12.05 -2.49
N PRO A 49 26.66 11.42 -1.78
CA PRO A 49 26.48 11.02 -0.38
C PRO A 49 25.51 11.80 0.54
N ASN A 50 25.69 13.11 0.73
CA ASN A 50 24.94 13.94 1.73
C ASN A 50 23.75 14.67 1.08
N GLY A 51 23.31 14.24 -0.12
CA GLY A 51 22.42 14.96 -1.05
C GLY A 51 20.94 14.87 -0.67
N SER A 52 20.19 15.93 -0.97
CA SER A 52 18.79 16.18 -0.53
C SER A 52 17.95 16.73 -1.69
N VAL A 53 16.65 16.47 -1.67
CA VAL A 53 15.66 17.22 -2.48
C VAL A 53 14.65 17.80 -1.50
N SER A 54 14.11 18.97 -1.80
CA SER A 54 12.99 19.51 -1.00
C SER A 54 11.75 18.64 -1.28
N SER A 56 8.91 19.87 -1.99
CA SER A 56 8.23 20.53 -3.13
C SER A 56 8.77 19.93 -4.43
N SER A 57 10.08 19.83 -4.54
CA SER A 57 10.76 19.29 -5.73
C SER A 57 10.34 17.81 -5.94
N PHE A 58 10.28 17.03 -4.86
CA PHE A 58 9.94 15.60 -4.94
C PHE A 58 8.48 15.49 -5.41
N LEU A 59 7.58 16.29 -4.83
CA LEU A 59 6.15 16.24 -5.18
C LEU A 59 5.99 16.72 -6.62
N THR A 60 6.80 17.69 -7.04
CA THR A 60 6.78 18.25 -8.40
C THR A 60 7.21 17.16 -9.41
N SER A 61 8.27 16.38 -9.13
CA SER A 61 8.73 15.26 -9.98
C SER A 61 7.58 14.25 -10.17
N ILE A 62 6.88 13.93 -9.09
CA ILE A 62 5.81 12.91 -9.12
C ILE A 62 4.73 13.46 -10.05
N PHE A 63 4.29 14.69 -9.80
CA PHE A 63 3.28 15.38 -10.64
C PHE A 63 3.77 15.36 -12.10
N ASP A 64 5.00 15.75 -12.39
CA ASP A 64 5.51 15.93 -13.79
C ASP A 64 5.49 14.58 -14.53
N SER A 65 5.94 13.53 -13.87
CA SER A 65 5.97 12.16 -14.44
C SER A 65 4.54 11.68 -14.74
N ALA A 66 3.66 11.72 -13.75
CA ALA A 66 2.30 11.20 -13.84
C ALA A 66 1.54 12.00 -14.91
N TYR A 67 1.78 13.31 -14.97
CA TYR A 67 1.06 14.23 -15.87
C TYR A 67 1.41 13.92 -17.32
N ILE A 68 2.70 13.85 -17.60
CA ILE A 68 3.17 13.73 -19.00
C ILE A 68 2.74 12.34 -19.54
N ALA A 69 2.74 11.28 -18.73
CA ALA A 69 2.23 9.95 -19.16
C ALA A 69 0.74 10.08 -19.55
N SER A 70 -0.05 10.82 -18.77
CA SER A 70 -1.47 11.03 -19.06
C SER A 70 -1.62 11.84 -20.35
N LEU A 71 -0.92 12.96 -20.45
CA LEU A 71 -1.07 13.92 -21.56
C LEU A 71 -0.70 13.25 -22.89
N LYS A 72 0.31 12.39 -22.88
CA LYS A 72 0.94 11.83 -24.09
C LYS A 72 0.46 10.39 -24.31
N TYR A 73 -0.58 9.94 -23.58
CA TYR A 73 -1.05 8.54 -23.61
C TYR A 73 -1.37 8.10 -25.04
N LYS A 74 -1.97 8.96 -25.87
CA LYS A 74 -2.35 8.53 -27.25
C LYS A 74 -1.44 9.15 -28.30
N SER A 75 -0.40 9.88 -27.90
CA SER A 75 0.40 10.64 -28.88
C SER A 75 1.26 9.70 -29.72
N ASP A 76 1.80 10.28 -30.78
CA ASP A 76 2.71 9.62 -31.75
C ASP A 76 3.93 9.08 -31.04
N ASP A 77 4.33 9.72 -29.93
CA ASP A 77 5.61 9.42 -29.25
C ASP A 77 5.32 8.78 -27.87
N ASN A 78 4.22 8.03 -27.74
CA ASN A 78 3.82 7.37 -26.48
C ASN A 78 4.72 6.18 -26.16
N TYR A 79 5.51 5.71 -27.12
CA TYR A 79 6.64 4.77 -26.90
C TYR A 79 7.56 5.30 -25.79
N LYS A 80 7.57 6.62 -25.58
CA LYS A 80 8.48 7.26 -24.59
C LYS A 80 8.02 6.93 -23.18
N TYR A 81 6.75 6.58 -22.98
CA TYR A 81 6.09 6.54 -21.65
C TYR A 81 5.64 5.11 -21.33
N ILE A 82 6.11 4.12 -22.08
CA ILE A 82 5.75 2.71 -21.78
C ILE A 82 6.22 2.42 -20.36
N GLY A 83 5.34 1.93 -19.49
CA GLY A 83 5.71 1.54 -18.13
C GLY A 83 5.54 2.68 -17.12
N ILE A 84 5.32 3.94 -17.54
CA ILE A 84 5.03 5.03 -16.57
C ILE A 84 3.59 4.87 -16.10
N PRO A 85 3.33 4.69 -14.78
CA PRO A 85 1.97 4.51 -14.29
C PRO A 85 1.00 5.64 -14.66
N LEU A 86 -0.24 5.26 -14.97
CA LEU A 86 -1.35 6.16 -15.31
C LEU A 86 -2.23 6.27 -14.07
N LEU A 87 -2.12 7.37 -13.33
CA LEU A 87 -2.85 7.54 -12.06
C LEU A 87 -4.31 7.82 -12.41
N ASN A 88 -5.21 7.24 -11.62
CA ASN A 88 -6.68 7.49 -11.65
C ASN A 88 -6.96 8.99 -11.47
N ALA A 89 -6.08 9.76 -10.82
CA ALA A 89 -6.26 11.21 -10.58
C ALA A 89 -6.17 12.00 -11.88
N PHE A 90 -5.39 11.51 -12.85
CA PHE A 90 -5.29 12.11 -14.19
C PHE A 90 -6.40 11.52 -15.07
N VAL A 91 -7.03 12.39 -15.86
CA VAL A 91 -8.32 12.10 -16.52
C VAL A 91 -8.12 11.98 -18.04
N GLU A 92 -7.24 12.80 -18.63
CA GLU A 92 -7.03 12.85 -20.09
C GLU A 92 -6.84 11.42 -20.64
N TRP A 93 -5.95 10.63 -20.04
CA TRP A 93 -5.69 9.27 -20.55
C TRP A 93 -6.97 8.46 -20.51
N GLN A 94 -7.82 8.67 -19.50
CA GLN A 94 -9.02 7.82 -19.29
C GLN A 94 -10.04 8.15 -20.37
N ILE A 95 -10.09 9.41 -20.80
CA ILE A 95 -10.94 9.83 -21.96
C ILE A 95 -10.34 9.22 -23.25
N GLU A 96 -9.05 9.37 -23.49
CA GLU A 96 -8.36 8.91 -24.73
C GLU A 96 -8.37 7.38 -24.84
N GLU A 97 -8.49 6.66 -23.72
CA GLU A 97 -8.52 5.17 -23.69
C GLU A 97 -9.82 4.65 -24.32
N ILE A 98 -10.86 5.47 -24.43
CA ILE A 98 -12.16 5.01 -24.96
C ILE A 98 -11.95 4.42 -26.37
N ASP A 99 -12.44 3.21 -26.60
CA ASP A 99 -12.29 2.51 -27.90
C ASP A 99 -12.59 3.48 -29.04
N ASP A 100 -11.57 3.81 -29.84
CA ASP A 100 -11.65 4.78 -30.97
C ASP A 100 -12.68 4.32 -32.02
N SER A 101 -12.96 3.01 -32.11
CA SER A 101 -13.87 2.44 -33.14
C SER A 101 -15.35 2.72 -32.82
N LEU A 102 -15.70 3.19 -31.61
CA LEU A 102 -17.12 3.45 -31.21
C LEU A 102 -17.59 4.71 -31.94
N ASP A 103 -18.89 4.81 -32.22
CA ASP A 103 -19.47 6.05 -32.83
C ASP A 103 -19.36 7.21 -31.83
N ASP A 104 -19.47 8.44 -32.36
CA ASP A 104 -19.23 9.68 -31.58
C ASP A 104 -20.19 9.76 -30.39
N LYS A 105 -21.47 9.42 -30.59
CA LYS A 105 -22.50 9.46 -29.52
C LYS A 105 -22.09 8.55 -28.35
N SER A 106 -21.67 7.31 -28.62
CA SER A 106 -21.27 6.34 -27.57
C SER A 106 -20.08 6.90 -26.79
N LYS A 107 -19.08 7.43 -27.48
CA LYS A 107 -17.89 8.03 -26.80
C LYS A 107 -18.32 9.21 -25.92
N GLU A 108 -19.17 10.11 -26.40
CA GLU A 108 -19.68 11.27 -25.61
C GLU A 108 -20.40 10.72 -24.37
N ILE A 109 -21.18 9.65 -24.48
CA ILE A 109 -21.91 9.06 -23.33
C ILE A 109 -20.88 8.51 -22.35
N ILE A 110 -19.81 7.87 -22.83
CA ILE A 110 -18.81 7.28 -21.91
C ILE A 110 -18.03 8.41 -21.26
N LYS A 111 -17.62 9.41 -22.04
CA LYS A 111 -16.89 10.63 -21.56
C LYS A 111 -17.69 11.25 -20.40
N SER A 112 -18.99 11.51 -20.58
CA SER A 112 -19.84 12.12 -19.53
C SER A 112 -19.94 11.20 -18.32
N TYR A 113 -20.10 9.89 -18.53
CA TYR A 113 -20.11 8.89 -17.41
C TYR A 113 -18.80 9.00 -16.62
N LEU A 114 -17.66 9.11 -17.28
CA LEU A 114 -16.34 9.15 -16.59
C LEU A 114 -16.16 10.47 -15.82
N ILE A 115 -16.43 11.61 -16.45
CA ILE A 115 -16.29 12.93 -15.79
C ILE A 115 -17.14 12.90 -14.52
N SER A 116 -18.43 12.54 -14.63
CA SER A 116 -19.39 12.56 -13.49
C SER A 116 -18.95 11.60 -12.38
N LYS A 117 -18.42 10.43 -12.73
CA LYS A 117 -18.05 9.41 -11.70
C LYS A 117 -16.74 9.81 -11.03
N LEU A 118 -15.81 10.40 -11.77
CA LEU A 118 -14.51 10.82 -11.18
C LEU A 118 -14.77 12.05 -10.30
N SER A 119 -15.64 12.98 -10.71
CA SER A 119 -16.09 14.11 -9.85
C SER A 119 -16.58 13.60 -8.50
N ALA A 120 -17.53 12.68 -8.51
CA ALA A 120 -18.16 12.14 -7.27
C ALA A 120 -17.10 11.44 -6.41
N LYS A 121 -16.14 10.73 -7.02
CA LYS A 121 -15.12 9.93 -6.28
C LYS A 121 -14.11 10.83 -5.54
N TYR A 122 -13.56 11.87 -6.19
CA TYR A 122 -12.58 12.80 -5.56
C TYR A 122 -13.25 14.07 -5.03
N GLU A 123 -14.54 14.03 -4.64
CA GLU A 123 -15.25 15.10 -3.88
C GLU A 123 -15.76 14.50 -2.56
N ASN A 129 -7.97 13.71 9.66
CA ASN A 129 -6.76 14.26 10.35
C ASN A 129 -5.62 14.38 9.33
N ALA A 130 -5.71 15.34 8.43
CA ALA A 130 -4.76 15.55 7.33
C ALA A 130 -3.42 16.03 7.87
N VAL A 131 -2.36 15.65 7.18
CA VAL A 131 -1.03 16.32 7.26
C VAL A 131 -1.05 17.42 6.21
N ARG A 132 -0.84 18.67 6.64
CA ARG A 132 -0.85 19.86 5.76
C ARG A 132 0.55 19.92 5.14
N VAL A 133 0.66 19.59 3.86
CA VAL A 133 1.97 19.65 3.15
C VAL A 133 2.00 20.92 2.28
N ARG A 134 3.02 21.72 2.48
CA ARG A 134 3.25 23.04 1.88
C ARG A 134 4.06 22.81 0.60
N LEU A 135 3.39 22.83 -0.53
CA LEU A 135 4.04 22.65 -1.85
C LEU A 135 4.31 24.03 -2.45
N SER A 136 5.57 24.39 -2.61
CA SER A 136 6.01 25.60 -3.34
C SER A 136 5.87 25.31 -4.84
N ILE A 137 5.07 26.11 -5.55
CA ILE A 137 4.80 25.99 -7.01
C ILE A 137 5.92 26.69 -7.81
N CYS A 138 6.76 25.94 -8.49
CA CYS A 138 7.80 26.51 -9.40
C CYS A 138 7.11 27.11 -10.63
N ARG A 139 7.85 27.91 -11.35
CA ARG A 139 7.34 28.62 -12.54
C ARG A 139 6.74 27.64 -13.55
N ASP A 140 7.45 26.54 -13.86
CA ASP A 140 7.00 25.58 -14.89
C ASP A 140 5.72 24.90 -14.42
N LEU A 141 5.61 24.53 -13.15
CA LEU A 141 4.35 23.91 -12.63
C LEU A 141 3.22 24.95 -12.64
N TYR A 142 3.50 26.20 -12.32
CA TYR A 142 2.44 27.25 -12.35
C TYR A 142 1.84 27.31 -13.77
N ASP A 143 2.71 27.33 -14.79
CA ASP A 143 2.33 27.50 -16.21
C ASP A 143 1.56 26.26 -16.69
N THR A 144 1.87 25.07 -16.19
CA THR A 144 1.08 23.85 -16.47
C THR A 144 -0.31 24.00 -15.82
N LEU A 145 -0.37 24.36 -14.54
CA LEU A 145 -1.65 24.41 -13.77
C LEU A 145 -2.54 25.55 -14.27
N SER A 146 -2.01 26.47 -15.08
CA SER A 146 -2.78 27.59 -15.68
C SER A 146 -3.03 27.36 -17.17
N SER A 147 -2.55 26.27 -17.76
CA SER A 147 -2.74 25.95 -19.21
C SER A 147 -4.11 25.31 -19.43
N ASP A 148 -4.48 25.12 -20.69
CA ASP A 148 -5.74 24.48 -21.12
C ASP A 148 -5.51 22.97 -21.25
N ASP A 149 -4.33 22.45 -20.89
CA ASP A 149 -4.00 21.01 -21.07
C ASP A 149 -4.40 20.19 -19.86
N LEU A 150 -5.25 20.71 -19.00
CA LEU A 150 -5.90 20.02 -17.86
C LEU A 150 -7.41 20.18 -18.00
N TYR A 151 -7.91 20.22 -19.23
CA TYR A 151 -9.34 20.41 -19.57
C TYR A 151 -10.22 19.54 -18.66
N TYR A 152 -10.02 18.24 -18.65
CA TYR A 152 -10.93 17.28 -17.97
C TYR A 152 -10.68 17.27 -16.48
N GLU A 153 -9.43 17.50 -16.05
CA GLU A 153 -9.08 17.61 -14.60
C GLU A 153 -9.81 18.81 -13.99
N ASN A 154 -9.86 19.94 -14.71
CA ASN A 154 -10.53 21.18 -14.24
C ASN A 154 -12.01 20.90 -13.97
N LYS A 155 -12.63 20.07 -14.83
CA LYS A 155 -14.07 19.70 -14.71
C LYS A 155 -14.24 18.74 -13.52
N VAL A 156 -13.40 17.70 -13.45
CA VAL A 156 -13.48 16.65 -12.40
C VAL A 156 -13.28 17.25 -11.01
N TYR A 157 -12.31 18.15 -10.84
CA TYR A 157 -11.91 18.68 -9.52
C TYR A 157 -12.53 20.09 -9.31
N SER A 158 -13.50 20.47 -10.15
CA SER A 158 -14.21 21.78 -10.13
C SER A 158 -13.20 22.91 -9.88
N LEU A 159 -12.15 23.00 -10.71
CA LEU A 159 -11.17 24.13 -10.69
C LEU A 159 -10.46 24.26 -9.33
N THR A 160 -10.48 23.26 -8.46
CA THR A 160 -9.91 23.38 -7.10
C THR A 160 -8.57 22.64 -7.04
N LEU A 161 -7.46 23.39 -7.12
CA LEU A 161 -6.08 22.84 -7.17
C LEU A 161 -5.84 21.90 -5.99
N ARG A 162 -6.26 22.28 -4.80
CA ARG A 162 -6.07 21.51 -3.54
C ARG A 162 -6.64 20.09 -3.77
N ARG A 163 -7.85 19.99 -4.30
CA ARG A 163 -8.55 18.70 -4.53
C ARG A 163 -7.77 17.87 -5.57
N PHE A 164 -7.34 18.49 -6.66
CA PHE A 164 -6.60 17.81 -7.76
C PHE A 164 -5.30 17.24 -7.16
N LEU A 165 -4.51 18.08 -6.50
CA LEU A 165 -3.16 17.67 -6.02
C LEU A 165 -3.31 16.63 -4.90
N LYS A 166 -4.31 16.73 -4.04
CA LYS A 166 -4.54 15.70 -3.01
C LYS A 166 -4.81 14.37 -3.70
N ALA A 167 -5.63 14.37 -4.75
CA ALA A 167 -5.99 13.15 -5.51
C ALA A 167 -4.72 12.56 -6.15
N VAL A 168 -3.87 13.41 -6.72
CA VAL A 168 -2.61 12.93 -7.35
C VAL A 168 -1.78 12.17 -6.30
N TYR A 169 -1.57 12.75 -5.11
CA TYR A 169 -0.59 12.24 -4.11
C TYR A 169 -1.22 11.08 -3.34
N GLU A 170 -2.52 11.11 -3.06
CA GLU A 170 -3.24 9.95 -2.47
C GLU A 170 -3.12 8.76 -3.44
N ASP A 171 -3.31 8.96 -4.73
CA ASP A 171 -3.23 7.85 -5.73
C ASP A 171 -1.78 7.37 -5.83
N TYR A 172 -0.82 8.29 -5.88
CA TYR A 172 0.62 7.95 -5.85
C TYR A 172 0.87 6.95 -4.72
N ALA A 173 0.47 7.31 -3.51
CA ALA A 173 0.73 6.54 -2.26
C ALA A 173 0.11 5.14 -2.30
N LEU A 174 -0.91 4.89 -3.14
CA LEU A 174 -1.62 3.57 -3.22
C LEU A 174 -0.89 2.59 -4.16
N LEU A 175 -0.04 3.09 -5.05
CA LEU A 175 0.73 2.26 -6.01
C LEU A 175 1.67 1.32 -5.22
N SER A 176 2.05 0.22 -5.82
CA SER A 176 3.10 -0.69 -5.32
C SER A 176 4.47 0.04 -5.32
N ASP A 177 5.45 -0.49 -4.59
CA ASP A 177 6.80 0.11 -4.51
C ASP A 177 7.36 0.31 -5.93
N CYS A 178 7.28 -0.70 -6.80
CA CYS A 178 7.91 -0.68 -8.12
C CYS A 178 7.16 0.33 -9.00
N GLU A 179 5.85 0.49 -8.81
CA GLU A 179 5.11 1.51 -9.59
C GLU A 179 5.57 2.89 -9.15
N ARG A 180 5.67 3.16 -7.86
CA ARG A 180 6.06 4.49 -7.38
C ARG A 180 7.47 4.80 -7.91
N GLU A 181 8.33 3.77 -7.93
CA GLU A 181 9.74 3.91 -8.38
C GLU A 181 9.77 4.33 -9.86
N ARG A 182 8.83 3.88 -10.66
CA ARG A 182 8.83 4.20 -12.11
C ARG A 182 8.40 5.65 -12.33
N LEU A 183 7.55 6.22 -11.49
CA LEU A 183 7.26 7.68 -11.55
C LEU A 183 8.51 8.47 -11.17
N ILE A 184 9.20 8.07 -10.12
CA ILE A 184 10.38 8.83 -9.61
C ILE A 184 11.53 8.76 -10.63
N PHE A 185 11.72 7.64 -11.30
CA PHE A 185 12.87 7.43 -12.22
C PHE A 185 12.36 7.49 -13.65
N ALA A 186 11.26 8.19 -13.89
CA ALA A 186 10.63 8.35 -15.21
C ALA A 186 11.68 8.83 -16.22
N ASP A 187 12.56 9.75 -15.85
CA ASP A 187 13.52 10.34 -16.81
C ASP A 187 14.42 9.21 -17.35
N ASN A 188 14.94 8.33 -16.48
CA ASN A 188 15.70 7.13 -16.92
C ASN A 188 14.80 6.27 -17.82
N ILE A 189 13.54 6.11 -17.43
CA ILE A 189 12.66 5.18 -18.18
C ILE A 189 12.42 5.72 -19.59
N ILE A 190 12.18 7.03 -19.71
CA ILE A 190 11.91 7.72 -21.00
C ILE A 190 13.12 7.55 -21.94
N LYS A 191 14.35 7.76 -21.44
CA LYS A 191 15.60 7.64 -22.25
C LYS A 191 15.76 6.17 -22.69
N ILE A 192 15.53 5.24 -21.78
CA ILE A 192 15.58 3.79 -22.11
C ILE A 192 14.56 3.47 -23.20
N ASN A 193 13.34 3.96 -23.07
CA ASN A 193 12.24 3.66 -24.02
C ASN A 193 12.59 4.22 -25.38
N GLU A 194 13.24 5.39 -25.45
CA GLU A 194 13.63 6.03 -26.73
C GLU A 194 14.54 5.05 -27.47
N VAL A 195 15.51 4.45 -26.78
CA VAL A 195 16.53 3.54 -27.36
C VAL A 195 15.85 2.22 -27.72
N ILE A 196 14.93 1.71 -26.90
CA ILE A 196 14.18 0.46 -27.21
C ILE A 196 13.44 0.63 -28.55
N LYS A 197 12.78 1.76 -28.76
CA LYS A 197 12.01 2.05 -30.00
C LYS A 197 13.00 2.11 -31.20
N GLN A 198 14.04 2.94 -31.12
CA GLN A 198 15.07 3.13 -32.19
C GLN A 198 15.63 1.76 -32.58
N ASN A 199 15.88 0.86 -31.61
CA ASN A 199 16.58 -0.43 -31.81
C ASN A 199 15.60 -1.46 -32.39
N GLY A 200 14.31 -1.40 -32.04
CA GLY A 200 13.33 -2.49 -32.29
C GLY A 200 13.96 -3.86 -32.04
N SER A 201 13.94 -4.72 -33.06
CA SER A 201 14.42 -6.13 -33.08
C SER A 201 15.87 -6.23 -33.57
N ARG A 202 16.47 -5.12 -33.98
CA ARG A 202 17.77 -5.10 -34.70
C ARG A 202 18.93 -4.84 -33.72
N TYR A 203 18.67 -4.19 -32.58
CA TYR A 203 19.68 -3.98 -31.51
C TYR A 203 20.96 -3.42 -32.13
N TYR A 204 20.83 -2.41 -32.99
CA TYR A 204 21.97 -1.82 -33.75
C TYR A 204 22.81 -0.97 -32.79
N SER A 205 22.21 -0.40 -31.74
CA SER A 205 22.86 0.68 -30.93
C SER A 205 22.89 0.36 -29.42
N PHE A 206 23.92 0.91 -28.74
CA PHE A 206 24.09 0.90 -27.28
C PHE A 206 24.02 2.35 -26.78
N ILE A 207 23.70 2.53 -25.50
CA ILE A 207 23.94 3.78 -24.72
C ILE A 207 25.00 3.51 -23.66
N TYR A 208 25.80 4.54 -23.37
CA TYR A 208 26.69 4.60 -22.21
C TYR A 208 25.80 4.96 -21.02
N ALA A 209 26.13 4.41 -19.85
CA ALA A 209 25.46 4.78 -18.59
C ALA A 209 26.43 4.60 -17.41
N TYR A 210 26.14 5.29 -16.32
CA TYR A 210 26.85 5.12 -15.04
C TYR A 210 25.99 4.17 -14.20
N SER A 211 26.68 3.21 -13.58
CA SER A 211 26.14 2.17 -12.69
C SER A 211 26.78 2.28 -11.30
N ASN A 212 25.92 2.42 -10.29
CA ASN A 212 26.13 2.17 -8.83
C ASN A 212 25.75 0.71 -8.51
N TYR A 214 27.00 -2.54 -9.68
CA TYR A 214 28.03 -3.60 -9.45
C TYR A 214 29.39 -2.97 -9.08
N SER A 215 29.38 -1.71 -8.61
CA SER A 215 30.58 -0.99 -8.09
C SER A 215 30.15 0.00 -7.00
N ARG A 216 31.05 0.32 -6.05
CA ARG A 216 30.80 1.33 -4.98
C ARG A 216 30.79 2.73 -5.62
N GLU A 217 31.80 3.05 -6.45
CA GLU A 217 31.86 4.31 -7.26
C GLU A 217 31.18 4.08 -8.62
N LYS A 218 30.51 5.11 -9.15
CA LYS A 218 29.78 5.08 -10.45
C LYS A 218 30.74 4.64 -11.56
N ARG A 219 30.38 3.57 -12.31
CA ARG A 219 31.20 2.90 -13.37
C ARG A 219 30.52 3.15 -14.72
N ARG A 220 31.27 3.69 -15.69
CA ARG A 220 30.74 3.97 -17.05
C ARG A 220 30.74 2.67 -17.86
N ILE A 221 29.56 2.18 -18.20
CA ILE A 221 29.31 0.91 -18.96
C ILE A 221 28.53 1.23 -20.22
N ARG A 222 28.44 0.24 -21.12
CA ARG A 222 27.62 0.29 -22.36
C ARG A 222 26.44 -0.67 -22.20
N LEU A 223 25.23 -0.21 -22.50
CA LEU A 223 23.96 -0.99 -22.38
C LEU A 223 23.27 -1.06 -23.73
N ILE A 224 22.71 -2.23 -24.04
CA ILE A 224 21.73 -2.43 -25.14
C ILE A 224 20.44 -2.80 -24.43
N PRO A 225 19.51 -1.85 -24.24
CA PRO A 225 18.30 -2.11 -23.46
C PRO A 225 17.43 -3.18 -24.13
N TYR A 226 16.73 -3.99 -23.32
CA TYR A 226 15.73 -4.96 -23.81
C TYR A 226 14.35 -4.60 -23.29
N ARG A 227 14.19 -4.59 -21.96
CA ARG A 227 12.87 -4.33 -21.35
C ARG A 227 13.08 -4.03 -19.86
N ILE A 228 12.25 -3.15 -19.32
CA ILE A 228 12.21 -2.85 -17.86
C ILE A 228 11.22 -3.84 -17.24
N VAL A 229 11.58 -4.55 -16.17
CA VAL A 229 10.66 -5.50 -15.48
C VAL A 229 10.78 -5.24 -13.99
N SER A 230 9.78 -5.67 -13.24
CA SER A 230 9.82 -5.57 -11.78
C SER A 230 10.22 -6.94 -11.25
N ASP A 231 10.90 -6.97 -10.10
CA ASP A 231 11.23 -8.23 -9.39
C ASP A 231 9.96 -8.91 -8.88
N GLU A 232 10.07 -10.12 -8.36
CA GLU A 232 8.94 -10.91 -7.85
C GLU A 232 8.38 -10.27 -6.56
N TYR A 233 9.07 -9.30 -5.93
CA TYR A 233 8.59 -8.61 -4.71
C TYR A 233 7.85 -7.34 -5.06
N LYS A 234 7.80 -6.94 -6.34
CA LYS A 234 7.17 -5.66 -6.75
C LYS A 234 7.87 -4.53 -5.96
N TYR A 236 11.69 -3.44 -6.73
CA TYR A 236 12.51 -2.65 -7.66
C TYR A 236 12.23 -3.04 -9.11
N ASN A 237 12.46 -2.07 -10.00
CA ASN A 237 12.42 -2.24 -11.47
C ASN A 237 13.85 -2.42 -11.98
N TYR A 238 14.03 -3.38 -12.88
CA TYR A 238 15.33 -3.70 -13.50
C TYR A 238 15.24 -3.43 -15.00
N LEU A 239 16.28 -2.78 -15.54
CA LEU A 239 16.52 -2.80 -16.99
C LEU A 239 17.23 -4.12 -17.34
N VAL A 240 16.51 -5.04 -17.95
CA VAL A 240 17.10 -6.25 -18.59
C VAL A 240 17.70 -5.79 -19.91
N CYS A 241 18.96 -6.16 -20.14
CA CYS A 241 19.74 -5.57 -21.25
C CYS A 241 20.88 -6.51 -21.61
N LEU A 242 21.65 -6.15 -22.64
CA LEU A 242 23.04 -6.64 -22.75
C LEU A 242 23.94 -5.52 -22.25
N SER A 243 25.07 -5.89 -21.65
CA SER A 243 26.01 -4.96 -21.00
C SER A 243 27.42 -5.49 -21.20
N ASP A 244 28.40 -4.59 -21.19
CA ASP A 244 29.83 -4.94 -21.37
C ASP A 244 30.55 -4.94 -20.02
N GLU A 245 29.84 -4.84 -18.91
CA GLU A 245 30.47 -4.64 -17.58
C GLU A 245 31.25 -5.90 -17.21
N LYS A 246 30.64 -7.08 -17.35
CA LYS A 246 31.11 -8.36 -16.75
C LYS A 246 32.45 -8.78 -17.40
N SER A 247 32.64 -8.46 -18.68
CA SER A 247 33.86 -8.75 -19.47
C SER A 247 34.76 -7.52 -19.49
N ALA A 248 34.39 -6.46 -18.76
CA ALA A 248 35.17 -5.21 -18.62
C ALA A 248 35.45 -4.59 -19.99
N GLY A 249 34.40 -4.30 -20.76
CA GLY A 249 34.46 -3.59 -22.05
C GLY A 249 34.58 -4.53 -23.24
N LYS A 250 34.97 -5.80 -23.05
CA LYS A 250 35.39 -6.70 -24.15
C LYS A 250 34.16 -7.14 -24.98
N GLU A 251 33.04 -7.52 -24.39
CA GLU A 251 31.88 -8.09 -25.13
C GLU A 251 30.57 -7.84 -24.36
N PHE A 252 29.46 -7.88 -25.07
CA PHE A 252 28.10 -7.67 -24.53
C PHE A 252 27.52 -8.99 -24.02
N LYS A 253 27.05 -9.00 -22.77
CA LYS A 253 26.40 -10.18 -22.12
C LYS A 253 25.12 -9.71 -21.46
N ALA A 254 24.12 -10.58 -21.49
CA ALA A 254 22.82 -10.33 -20.82
C ALA A 254 23.07 -9.93 -19.37
N ASP A 255 22.40 -8.89 -18.90
CA ASP A 255 22.53 -8.42 -17.51
C ASP A 255 21.24 -7.68 -17.11
N SER A 256 21.21 -7.25 -15.87
CA SER A 256 20.03 -6.66 -15.19
C SER A 256 20.55 -5.53 -14.30
N TYR A 257 20.01 -4.32 -14.43
CA TYR A 257 20.40 -3.14 -13.61
C TYR A 257 19.16 -2.52 -12.98
N ARG A 258 19.18 -2.29 -11.65
CA ARG A 258 18.16 -1.46 -10.97
CA ARG A 258 18.12 -1.48 -10.99
C ARG A 258 18.08 -0.12 -11.69
N ILE A 259 16.91 0.29 -12.16
CA ILE A 259 16.79 1.61 -12.85
C ILE A 259 17.17 2.72 -11.86
N SER A 260 17.04 2.49 -10.54
CA SER A 260 17.42 3.50 -9.52
C SER A 260 18.95 3.65 -9.44
N ARG A 261 19.75 2.76 -10.02
CA ARG A 261 21.25 2.80 -9.89
C ARG A 261 21.88 3.11 -11.25
N LEU A 262 21.11 3.60 -12.22
CA LEU A 262 21.61 4.10 -13.53
C LEU A 262 21.50 5.62 -13.50
N SER A 263 22.53 6.29 -14.02
CA SER A 263 22.55 7.77 -14.20
C SER A 263 23.44 8.11 -15.41
N GLY A 264 23.52 9.39 -15.78
CA GLY A 264 24.31 9.92 -16.91
C GLY A 264 24.07 9.13 -18.19
N LEU A 265 22.82 8.82 -18.53
CA LEU A 265 22.47 8.05 -19.75
C LEU A 265 22.81 8.89 -21.00
N SER A 266 23.55 8.35 -21.96
CA SER A 266 23.97 9.08 -23.20
C SER A 266 22.95 8.81 -24.33
N ILE A 267 23.05 9.62 -25.39
CA ILE A 267 22.55 9.34 -26.78
C ILE A 267 22.93 7.89 -27.12
N ALA A 268 22.11 7.21 -27.92
CA ALA A 268 22.51 5.94 -28.58
C ALA A 268 23.61 6.21 -29.61
N GLU A 269 24.65 5.37 -29.59
CA GLU A 269 25.67 5.18 -30.67
C GLU A 269 25.48 3.78 -31.26
N LYS A 270 25.76 3.63 -32.56
CA LYS A 270 25.71 2.32 -33.26
C LYS A 270 26.93 1.52 -32.82
N LEU A 271 26.75 0.20 -32.62
CA LEU A 271 27.85 -0.76 -32.34
C LEU A 271 28.74 -0.91 -33.58
N SER A 272 30.03 -1.24 -33.39
CA SER A 272 31.01 -1.61 -34.45
C SER A 272 30.70 -3.05 -34.90
N GLN A 273 31.13 -3.41 -36.13
CA GLN A 273 30.60 -4.62 -36.83
C GLN A 273 31.06 -5.88 -36.09
N LYS A 274 32.30 -5.91 -35.59
CA LYS A 274 32.80 -6.96 -34.67
C LYS A 274 31.80 -7.10 -33.50
N GLU A 275 31.45 -6.02 -32.80
CA GLU A 275 30.51 -6.06 -31.62
C GLU A 275 29.08 -6.41 -32.06
N TYR A 276 28.57 -5.77 -33.13
CA TYR A 276 27.23 -6.07 -33.67
C TYR A 276 27.12 -7.56 -34.02
N SER A 277 28.19 -8.19 -34.55
CA SER A 277 28.24 -9.63 -34.98
C SER A 277 28.37 -10.56 -33.76
N SER A 278 28.86 -10.10 -32.60
CA SER A 278 28.77 -10.84 -31.30
C SER A 278 27.32 -10.88 -30.81
N VAL A 279 26.55 -9.82 -31.07
CA VAL A 279 25.20 -9.64 -30.45
C VAL A 279 24.12 -10.24 -31.35
N THR A 280 24.19 -10.00 -32.66
CA THR A 280 23.14 -10.43 -33.62
C THR A 280 23.75 -11.31 -34.72
N GLU A 281 22.89 -12.10 -35.35
CA GLU A 281 23.10 -12.73 -36.68
C GLU A 281 21.88 -12.39 -37.54
N TYR A 282 22.14 -11.93 -38.78
CA TYR A 282 21.13 -11.52 -39.78
C TYR A 282 20.16 -10.56 -39.11
N GLU A 283 20.72 -9.60 -38.36
CA GLU A 283 20.00 -8.47 -37.70
C GLU A 283 18.98 -8.94 -36.67
N ARG A 284 19.14 -10.15 -36.13
CA ARG A 284 18.31 -10.66 -35.02
C ARG A 284 19.21 -11.11 -33.87
N LEU A 285 18.77 -10.91 -32.64
CA LEU A 285 19.49 -11.30 -31.40
C LEU A 285 19.85 -12.78 -31.48
N LYS A 286 21.12 -13.14 -31.25
CA LYS A 286 21.57 -14.57 -31.25
C LYS A 286 20.84 -15.33 -30.16
N GLU A 287 20.59 -16.60 -30.44
CA GLU A 287 19.80 -17.53 -29.57
C GLU A 287 20.33 -17.48 -28.12
N GLY A 288 21.64 -17.35 -27.92
CA GLY A 288 22.31 -17.35 -26.61
C GLY A 288 21.91 -16.15 -25.77
N HIS A 289 21.93 -14.96 -26.37
CA HIS A 289 21.46 -13.70 -25.76
C HIS A 289 19.96 -13.78 -25.48
N VAL A 290 19.16 -14.25 -26.44
CA VAL A 290 17.68 -14.42 -26.27
C VAL A 290 17.43 -15.26 -25.00
N LYS A 291 18.12 -16.40 -24.86
CA LYS A 291 17.88 -17.42 -23.79
C LYS A 291 18.23 -16.81 -22.41
N SER A 292 19.37 -16.11 -22.33
CA SER A 292 19.85 -15.45 -21.09
C SER A 292 18.89 -14.33 -20.73
N VAL A 293 18.52 -13.51 -21.72
CA VAL A 293 17.53 -12.42 -21.53
C VAL A 293 16.20 -13.02 -21.00
N LYS A 294 15.70 -14.09 -21.60
CA LYS A 294 14.43 -14.76 -21.15
C LYS A 294 14.49 -15.16 -19.67
N HIS A 295 15.58 -15.74 -19.15
CA HIS A 295 15.73 -16.03 -17.69
C HIS A 295 15.58 -14.74 -16.86
N LEU A 296 16.24 -13.63 -17.25
CA LEU A 296 16.19 -12.32 -16.57
C LEU A 296 14.81 -11.66 -16.69
N LEU A 297 14.04 -11.84 -17.78
CA LEU A 297 12.67 -11.26 -17.87
C LEU A 297 11.80 -11.90 -16.76
N SER A 298 11.95 -13.19 -16.47
CA SER A 298 11.03 -13.86 -15.51
C SER A 298 11.54 -13.65 -14.08
N ASP A 299 12.86 -13.53 -13.88
CA ASP A 299 13.44 -13.09 -12.57
C ASP A 299 14.65 -12.20 -12.82
N PRO A 300 14.50 -10.85 -12.81
CA PRO A 300 15.63 -9.98 -13.08
C PRO A 300 16.61 -9.82 -11.92
N ARG A 301 16.33 -10.37 -10.74
CA ARG A 301 17.04 -10.00 -9.50
C ARG A 301 17.86 -11.15 -8.98
N PHE A 302 17.32 -12.36 -8.96
CA PHE A 302 17.96 -13.50 -8.25
C PHE A 302 19.36 -13.67 -8.82
N GLY A 303 20.39 -13.74 -7.99
CA GLY A 303 21.75 -14.03 -8.51
C GLY A 303 22.20 -13.09 -9.63
N SER A 304 21.80 -11.82 -9.60
CA SER A 304 22.59 -10.72 -10.22
C SER A 304 22.72 -9.59 -9.18
N ASP A 305 21.61 -9.25 -8.52
CA ASP A 305 21.54 -8.11 -7.57
C ASP A 305 21.96 -8.56 -6.15
N GLU A 306 23.23 -8.25 -5.78
CA GLU A 306 23.88 -8.63 -4.49
C GLU A 306 24.02 -7.39 -3.56
N SER A 307 23.76 -6.18 -4.06
CA SER A 307 24.22 -4.83 -3.59
C SER A 307 23.92 -4.49 -2.11
N ASP A 308 22.66 -4.33 -1.72
CA ASP A 308 22.39 -3.62 -0.45
C ASP A 308 21.51 -4.53 0.43
N ILE A 309 22.02 -5.72 0.71
CA ILE A 309 21.40 -6.67 1.64
C ILE A 309 21.77 -6.21 3.05
N SER A 310 20.83 -6.24 3.96
CA SER A 310 21.04 -5.98 5.40
C SER A 310 21.15 -7.33 6.13
N LYS A 311 22.20 -7.50 6.93
CA LYS A 311 22.35 -8.66 7.83
C LYS A 311 21.91 -8.24 9.23
N VAL A 312 20.91 -8.95 9.76
CA VAL A 312 20.31 -8.66 11.09
C VAL A 312 20.33 -9.94 11.93
N TYR A 313 20.97 -9.88 13.10
CA TYR A 313 20.90 -10.97 14.11
C TYR A 313 19.60 -10.78 14.88
N LEU A 314 18.72 -11.78 14.82
CA LEU A 314 17.46 -11.82 15.62
C LEU A 314 17.64 -12.82 16.74
N THR A 315 17.25 -12.45 17.96
CA THR A 315 17.09 -13.41 19.07
C THR A 315 15.73 -14.07 18.91
N GLU A 316 15.41 -15.02 19.78
CA GLU A 316 14.07 -15.65 19.89
C GLU A 316 13.05 -14.54 20.12
N LYS A 317 13.34 -13.66 21.08
CA LYS A 317 12.47 -12.49 21.35
C LYS A 317 12.34 -11.63 20.09
N GLY A 318 13.44 -11.45 19.33
CA GLY A 318 13.48 -10.67 18.08
C GLY A 318 12.48 -11.20 17.05
N VAL A 319 12.43 -12.53 16.93
CA VAL A 319 11.56 -13.24 15.96
C VAL A 319 10.11 -13.01 16.42
N GLU A 320 9.85 -13.11 17.72
CA GLU A 320 8.50 -12.90 18.28
C GLU A 320 8.08 -11.45 17.96
N PHE A 322 9.23 -9.49 15.54
CA PHE A 322 9.10 -9.48 14.07
C PHE A 322 7.70 -9.97 13.67
N ARG A 323 7.23 -11.05 14.28
CA ARG A 323 5.91 -11.66 13.98
C ARG A 323 4.80 -10.64 14.33
N LYS A 324 4.97 -9.88 15.40
CA LYS A 324 3.90 -9.04 16.01
C LYS A 324 3.92 -7.61 15.43
N ILE A 325 5.05 -7.10 14.96
CA ILE A 325 5.19 -5.68 14.52
C ILE A 325 5.23 -5.68 12.98
N LEU A 326 4.09 -5.35 12.36
CA LEU A 326 3.89 -5.45 10.88
C LEU A 326 4.29 -4.14 10.21
N TYR A 327 4.22 -3.02 10.91
CA TYR A 327 4.39 -1.68 10.31
C TYR A 327 5.74 -1.55 9.61
N GLN A 328 5.75 -1.37 8.28
CA GLN A 328 6.97 -1.12 7.46
C GLN A 328 7.98 -2.26 7.69
N ARG A 329 7.49 -3.46 8.00
CA ARG A 329 8.36 -4.61 8.35
C ARG A 329 9.10 -5.05 7.08
N PRO A 330 10.44 -5.19 7.13
CA PRO A 330 11.20 -5.48 5.93
C PRO A 330 11.09 -6.96 5.51
N ILE A 331 11.41 -7.17 4.24
CA ILE A 331 11.20 -8.45 3.51
C ILE A 331 12.47 -9.29 3.68
N LEU A 332 12.32 -10.55 4.06
CA LEU A 332 13.48 -11.45 4.05
C LEU A 332 13.74 -11.90 2.62
N LYS A 333 15.00 -12.28 2.40
CA LYS A 333 15.52 -13.08 1.26
C LYS A 333 14.49 -14.17 0.93
N GLY A 334 14.03 -14.24 -0.32
CA GLY A 334 13.08 -15.27 -0.80
C GLY A 334 11.78 -15.32 -0.02
N ASN A 335 11.54 -14.38 0.89
CA ASN A 335 10.28 -14.30 1.68
C ASN A 335 10.22 -15.42 2.72
N GLU A 336 11.36 -16.03 3.06
CA GLU A 336 11.53 -17.02 4.18
C GLU A 336 11.02 -16.44 5.51
N LYS A 337 10.64 -17.31 6.44
CA LYS A 337 10.40 -16.99 7.89
C LYS A 337 11.77 -16.62 8.49
N PRO A 338 11.84 -15.62 9.39
CA PRO A 338 13.11 -15.31 10.05
C PRO A 338 13.49 -16.43 11.06
N LYS A 339 14.80 -16.60 11.33
CA LYS A 339 15.34 -17.74 12.14
C LYS A 339 15.91 -17.17 13.44
N PRO A 340 15.53 -17.74 14.61
CA PRO A 340 16.03 -17.26 15.91
C PRO A 340 17.53 -17.52 16.12
N ASN A 341 18.21 -16.60 16.82
CA ASN A 341 19.61 -16.77 17.26
C ASN A 341 20.51 -17.00 16.04
N THR A 342 20.27 -16.27 14.95
CA THR A 342 21.12 -16.37 13.74
C THR A 342 20.99 -15.07 12.93
N VAL A 343 21.93 -14.89 12.01
CA VAL A 343 21.96 -13.72 11.09
C VAL A 343 20.94 -13.98 9.98
N ASN A 344 20.02 -13.06 9.80
CA ASN A 344 18.97 -13.09 8.75
C ASN A 344 19.30 -12.02 7.69
N GLU A 345 19.13 -12.36 6.42
CA GLU A 345 19.31 -11.41 5.29
C GLU A 345 17.98 -10.76 4.93
N PHE A 346 17.95 -9.44 4.98
CA PHE A 346 16.80 -8.60 4.57
C PHE A 346 17.18 -7.94 3.25
N ILE A 347 16.23 -7.93 2.30
CA ILE A 347 16.46 -7.41 0.94
C ILE A 347 15.64 -6.14 0.70
N SER A 348 14.87 -5.70 1.70
CA SER A 348 14.24 -4.37 1.70
C SER A 348 15.34 -3.32 1.63
N PRO A 349 15.06 -2.09 1.21
CA PRO A 349 16.06 -1.03 1.27
C PRO A 349 16.73 -0.92 2.64
N PRO A 350 18.06 -0.71 2.71
CA PRO A 350 18.75 -0.53 3.99
C PRO A 350 18.05 0.47 4.93
N ILE A 351 17.51 1.56 4.37
CA ILE A 351 16.80 2.61 5.16
C ILE A 351 15.60 1.99 5.89
N GLN A 352 14.83 1.12 5.23
CA GLN A 352 13.61 0.52 5.82
C GLN A 352 14.01 -0.50 6.89
N VAL A 353 15.09 -1.25 6.68
CA VAL A 353 15.59 -2.21 7.69
C VAL A 353 15.93 -1.40 8.96
N LYS A 354 16.68 -0.32 8.80
CA LYS A 354 17.15 0.58 9.87
C LYS A 354 15.93 1.20 10.60
N TYR A 355 14.92 1.70 9.87
CA TYR A 355 13.70 2.29 10.48
C TYR A 355 12.90 1.19 11.17
N TYR A 356 13.09 -0.09 10.86
CA TYR A 356 12.34 -1.16 11.56
C TYR A 356 13.08 -1.64 12.81
N PHE A 357 14.39 -1.86 12.69
CA PHE A 357 15.18 -2.54 13.76
C PHE A 357 15.82 -1.51 14.69
N ASN A 358 15.67 -0.21 14.42
CA ASN A 358 16.23 0.81 15.34
C ASN A 358 15.64 0.67 16.75
N LYS A 359 14.42 0.12 16.93
CA LYS A 359 13.77 -0.07 18.24
C LYS A 359 14.01 -1.48 18.80
N PHE A 360 14.83 -2.33 18.20
CA PHE A 360 14.96 -3.75 18.64
C PHE A 360 16.08 -3.96 19.65
N GLY A 361 17.06 -3.06 19.68
CA GLY A 361 18.26 -3.24 20.50
C GLY A 361 18.89 -4.60 20.22
N LYS A 362 19.24 -5.34 21.26
CA LYS A 362 20.04 -6.58 21.15
C LYS A 362 19.21 -7.70 20.52
N ASP A 363 17.89 -7.56 20.42
CA ASP A 363 16.99 -8.57 19.80
C ASP A 363 16.97 -8.44 18.27
N GLY A 364 17.50 -7.36 17.70
CA GLY A 364 17.58 -7.15 16.23
C GLY A 364 18.77 -6.29 15.88
N VAL A 365 19.97 -6.89 15.81
CA VAL A 365 21.25 -6.14 15.68
C VAL A 365 21.59 -6.07 14.19
N ILE A 366 21.58 -4.88 13.60
CA ILE A 366 21.98 -4.71 12.17
C ILE A 366 23.50 -4.78 12.08
N LEU A 367 24.01 -5.86 11.48
CA LEU A 367 25.46 -6.15 11.33
C LEU A 367 26.01 -5.50 10.06
N SER A 368 25.19 -5.37 9.01
CA SER A 368 25.64 -4.74 7.73
C SER A 368 24.43 -4.26 6.97
N PRO A 369 24.55 -3.27 6.06
CA PRO A 369 25.84 -2.74 5.66
C PRO A 369 26.51 -1.85 6.72
N SER A 370 27.77 -1.50 6.53
CA SER A 370 28.64 -0.68 7.42
C SER A 370 27.88 0.58 7.91
N ASP A 371 27.26 1.34 7.01
CA ASP A 371 26.52 2.58 7.35
C ASP A 371 25.46 2.32 8.43
N SER A 372 24.61 1.32 8.22
CA SER A 372 23.55 0.88 9.14
C SER A 372 24.16 0.45 10.49
N PHE A 373 25.16 -0.40 10.47
CA PHE A 373 25.87 -0.83 11.68
C PHE A 373 26.33 0.40 12.45
N GLU A 374 26.99 1.35 11.80
CA GLU A 374 27.67 2.45 12.52
C GLU A 374 26.60 3.43 13.05
N GLU A 375 25.51 3.66 12.30
CA GLU A 375 24.41 4.55 12.78
C GLU A 375 23.74 3.92 14.01
N ARG A 377 24.96 1.64 16.06
CA ARG A 377 25.92 1.58 17.19
C ARG A 377 25.93 2.95 17.88
N THR A 378 26.03 4.05 17.12
CA THR A 378 26.01 5.44 17.62
C THR A 378 24.69 5.69 18.35
N LEU A 379 23.54 5.41 17.72
CA LEU A 379 22.21 5.62 18.37
C LEU A 379 22.19 4.93 19.75
N TYR A 380 22.63 3.68 19.81
CA TYR A 380 22.54 2.85 21.03
C TYR A 380 23.57 3.31 22.05
N VAL A 381 24.82 3.55 21.63
CA VAL A 381 25.91 3.89 22.56
C VAL A 381 25.56 5.26 23.16
N GLU A 382 25.13 6.23 22.35
CA GLU A 382 24.89 7.61 22.85
C GLU A 382 23.58 7.60 23.65
N GLY A 383 22.63 6.75 23.28
CA GLY A 383 21.34 6.58 24.00
C GLY A 383 21.59 6.05 25.39
N ALA A 384 22.41 4.99 25.49
CA ALA A 384 22.77 4.33 26.75
C ALA A 384 23.42 5.36 27.68
N ASP A 385 24.34 6.15 27.13
CA ASP A 385 25.07 7.18 27.89
C ASP A 385 24.04 8.17 28.43
N ALA A 386 23.04 8.57 27.62
CA ALA A 386 22.02 9.56 28.03
C ALA A 386 21.19 8.98 29.18
N TYR A 387 20.70 7.76 29.05
CA TYR A 387 19.85 7.12 30.10
C TYR A 387 20.69 6.86 31.38
N ASN A 388 21.92 6.37 31.25
CA ASN A 388 22.83 6.14 32.41
C ASN A 388 23.09 7.46 33.13
N ARG A 389 23.34 8.54 32.38
CA ARG A 389 23.66 9.86 32.99
C ARG A 389 22.53 10.23 33.97
N GLU A 390 21.26 9.94 33.66
CA GLU A 390 20.11 10.36 34.52
C GLU A 390 20.05 9.58 35.84
N VAL A 391 20.75 8.45 35.94
CA VAL A 391 20.84 7.63 37.18
C VAL A 391 21.96 8.18 38.11
N GLU A 392 22.90 9.00 37.60
CA GLU A 392 23.97 9.63 38.41
C GLU A 392 23.38 10.78 39.24
N LEU B 3 -21.11 -23.06 -31.20
CA LEU B 3 -22.35 -22.49 -31.82
C LEU B 3 -23.26 -21.94 -30.70
N ILE B 4 -23.40 -22.66 -29.58
CA ILE B 4 -24.23 -22.25 -28.41
C ILE B 4 -23.35 -22.37 -27.17
N PRO B 5 -22.92 -21.25 -26.56
CA PRO B 5 -21.99 -21.29 -25.43
C PRO B 5 -22.64 -21.65 -24.09
N PRO B 6 -21.87 -22.23 -23.15
CA PRO B 6 -22.31 -22.34 -21.76
C PRO B 6 -22.46 -20.92 -21.21
N SER B 7 -23.33 -20.76 -20.21
CA SER B 7 -23.57 -19.46 -19.50
C SER B 7 -22.73 -19.35 -18.22
N THR B 8 -22.35 -20.47 -17.57
CA THR B 8 -21.72 -20.45 -16.22
C THR B 8 -20.31 -21.06 -16.24
N PHE B 9 -19.48 -20.66 -15.26
CA PHE B 9 -18.08 -21.12 -15.12
C PHE B 9 -18.02 -22.64 -15.07
N LEU B 10 -18.96 -23.23 -14.32
CA LEU B 10 -19.07 -24.68 -14.09
C LEU B 10 -20.51 -25.11 -14.37
N PRO B 11 -20.73 -26.32 -14.92
CA PRO B 11 -22.07 -26.79 -15.24
C PRO B 11 -22.82 -27.08 -13.93
N LYS B 12 -24.14 -26.92 -13.94
CA LYS B 12 -25.01 -27.27 -12.78
C LYS B 12 -24.80 -28.77 -12.55
N ARG B 13 -24.62 -29.21 -11.30
CA ARG B 13 -24.37 -30.64 -10.97
C ARG B 13 -25.71 -31.37 -10.75
N ASP B 14 -25.76 -32.68 -11.02
CA ASP B 14 -26.88 -33.55 -10.59
C ASP B 14 -26.84 -33.58 -9.07
N LYS B 15 -27.78 -32.90 -8.39
CA LYS B 15 -27.89 -32.86 -6.91
C LYS B 15 -28.36 -34.22 -6.38
N ASN B 16 -28.82 -35.14 -7.25
CA ASN B 16 -29.25 -36.51 -6.86
C ASN B 16 -28.02 -37.39 -6.61
N VAL B 17 -26.86 -37.07 -7.18
CA VAL B 17 -25.61 -37.87 -7.00
C VAL B 17 -24.77 -37.19 -5.92
N PRO B 18 -24.22 -37.91 -4.92
CA PRO B 18 -23.27 -37.31 -3.98
C PRO B 18 -22.22 -36.41 -4.68
N TYR B 19 -21.92 -35.24 -4.12
CA TYR B 19 -20.89 -34.32 -4.68
C TYR B 19 -19.47 -34.82 -4.35
N ILE B 20 -18.56 -34.85 -5.32
CA ILE B 20 -17.11 -35.09 -5.10
C ILE B 20 -16.36 -33.81 -5.46
N ALA B 21 -15.62 -33.24 -4.52
CA ALA B 21 -14.86 -31.97 -4.66
C ALA B 21 -13.83 -32.08 -5.77
N GLU B 22 -13.95 -31.28 -6.82
CA GLU B 22 -12.89 -31.12 -7.85
C GLU B 22 -11.91 -30.02 -7.41
N VAL B 23 -10.64 -30.16 -7.81
CA VAL B 23 -9.52 -29.23 -7.50
C VAL B 23 -9.27 -28.33 -8.71
N GLN B 24 -9.29 -27.01 -8.50
CA GLN B 24 -8.85 -25.99 -9.48
C GLN B 24 -7.46 -25.47 -9.11
N SER B 25 -6.51 -25.61 -10.03
CA SER B 25 -5.15 -25.00 -9.99
C SER B 25 -5.26 -23.52 -10.34
N ILE B 26 -4.89 -22.64 -9.42
CA ILE B 26 -4.87 -21.16 -9.64
C ILE B 26 -3.42 -20.72 -9.68
N PRO B 27 -2.95 -20.17 -10.83
CA PRO B 27 -1.60 -19.63 -10.93
C PRO B 27 -1.53 -18.19 -10.39
N LEU B 28 -0.88 -18.02 -9.25
CA LEU B 28 -0.76 -16.73 -8.52
C LEU B 28 0.66 -16.23 -8.65
N SER B 29 0.81 -14.92 -8.81
CA SER B 29 2.11 -14.21 -8.72
C SER B 29 2.74 -14.61 -7.39
N PRO B 30 4.07 -14.73 -7.33
CA PRO B 30 4.75 -14.94 -6.06
C PRO B 30 4.27 -13.94 -5.00
N SER B 31 3.99 -12.69 -5.39
CA SER B 31 3.70 -11.60 -4.41
C SER B 31 2.31 -11.83 -3.81
N ALA B 32 1.33 -12.17 -4.62
CA ALA B 32 -0.05 -12.51 -4.13
C ALA B 32 -0.03 -13.76 -3.25
N TYR B 33 0.70 -14.80 -3.65
CA TYR B 33 0.81 -16.04 -2.86
C TYR B 33 1.34 -15.72 -1.46
N SER B 34 2.42 -14.94 -1.40
CA SER B 34 3.12 -14.66 -0.13
C SER B 34 2.23 -13.76 0.77
N VAL B 35 1.45 -12.85 0.20
CA VAL B 35 0.43 -12.09 1.00
C VAL B 35 -0.61 -13.05 1.59
N ILE B 36 -1.11 -13.99 0.82
CA ILE B 36 -2.17 -14.95 1.28
C ILE B 36 -1.62 -15.89 2.36
N ILE B 37 -0.44 -16.48 2.19
CA ILE B 37 0.33 -17.28 3.19
C ILE B 37 0.47 -16.51 4.51
N LYS B 38 0.99 -15.28 4.46
CA LYS B 38 1.14 -14.41 5.65
C LYS B 38 -0.24 -14.25 6.30
N ASP B 39 -1.26 -13.83 5.54
CA ASP B 39 -2.57 -13.50 6.15
C ASP B 39 -3.12 -14.78 6.80
N LYS B 40 -2.97 -15.93 6.16
CA LYS B 40 -3.50 -17.22 6.66
C LYS B 40 -2.84 -17.56 8.00
N SER B 41 -1.53 -17.44 8.14
CA SER B 41 -0.88 -17.85 9.42
C SER B 41 -1.20 -16.80 10.49
N ILE B 42 -1.41 -15.54 10.13
CA ILE B 42 -1.90 -14.53 11.11
C ILE B 42 -3.35 -14.84 11.48
N PHE B 43 -4.22 -15.15 10.53
CA PHE B 43 -5.62 -15.50 10.87
C PHE B 43 -5.63 -16.68 11.84
N GLU B 44 -4.86 -17.74 11.55
CA GLU B 44 -4.86 -19.00 12.35
C GLU B 44 -4.60 -18.70 13.83
N THR B 45 -3.77 -17.70 14.14
CA THR B 45 -3.41 -17.29 15.54
C THR B 45 -4.64 -16.69 16.25
N SER B 46 -5.71 -16.33 15.53
CA SER B 46 -7.04 -15.95 16.11
C SER B 46 -7.79 -17.18 16.63
N LEU B 47 -7.54 -18.39 16.08
CA LEU B 47 -8.23 -19.65 16.45
CA GLY B 51 -5.18 -24.50 15.31
C GLY B 51 -4.85 -24.07 13.89
N SER B 52 -5.41 -24.78 12.89
CA SER B 52 -5.07 -24.69 11.45
C SER B 52 -6.33 -24.58 10.59
N VAL B 53 -6.25 -23.85 9.49
CA VAL B 53 -7.30 -23.82 8.42
C VAL B 53 -6.60 -24.21 7.11
N SER B 54 -7.23 -25.03 6.29
CA SER B 54 -6.69 -25.38 4.96
C SER B 54 -6.68 -24.12 4.09
N SER B 56 -7.67 -24.03 1.06
CA SER B 56 -8.95 -24.05 0.34
C SER B 56 -10.00 -23.27 1.14
N SER B 57 -10.11 -23.56 2.42
CA SER B 57 -11.07 -22.92 3.35
C SER B 57 -10.77 -21.41 3.40
N PHE B 58 -9.50 -21.05 3.51
CA PHE B 58 -9.09 -19.64 3.64
C PHE B 58 -9.44 -18.92 2.32
N LEU B 59 -9.12 -19.51 1.17
CA LEU B 59 -9.41 -18.92 -0.16
C LEU B 59 -10.92 -18.83 -0.33
N THR B 60 -11.65 -19.80 0.22
CA THR B 60 -13.13 -19.86 0.13
C THR B 60 -13.75 -18.73 0.96
N SER B 61 -13.25 -18.47 2.17
CA SER B 61 -13.70 -17.34 3.03
C SER B 61 -13.51 -16.03 2.29
N ILE B 62 -12.35 -15.84 1.65
CA ILE B 62 -12.05 -14.59 0.92
C ILE B 62 -13.09 -14.45 -0.20
N PHE B 63 -13.23 -15.50 -1.01
CA PHE B 63 -14.20 -15.53 -2.12
C PHE B 63 -15.59 -15.23 -1.58
N ASP B 64 -16.04 -15.87 -0.50
CA ASP B 64 -17.44 -15.77 0.01
C ASP B 64 -17.70 -14.33 0.45
N SER B 65 -16.77 -13.76 1.20
CA SER B 65 -16.90 -12.37 1.69
C SER B 65 -16.96 -11.38 0.52
N ALA B 66 -16.01 -11.44 -0.39
CA ALA B 66 -15.91 -10.49 -1.52
C ALA B 66 -17.17 -10.62 -2.39
N TYR B 67 -17.63 -11.85 -2.61
CA TYR B 67 -18.77 -12.18 -3.50
C TYR B 67 -20.05 -11.60 -2.92
N ILE B 68 -20.32 -11.85 -1.66
CA ILE B 68 -21.61 -11.44 -1.03
C ILE B 68 -21.69 -9.90 -1.01
N ALA B 69 -20.58 -9.17 -0.79
CA ALA B 69 -20.60 -7.70 -0.83
C ALA B 69 -20.97 -7.23 -2.26
N SER B 70 -20.42 -7.90 -3.27
CA SER B 70 -20.71 -7.54 -4.68
C SER B 70 -22.17 -7.89 -4.98
N LEU B 71 -22.61 -9.09 -4.65
CA LEU B 71 -23.97 -9.59 -5.00
C LEU B 71 -25.03 -8.71 -4.34
N LYS B 72 -24.79 -8.23 -3.13
CA LYS B 72 -25.81 -7.55 -2.30
C LYS B 72 -25.57 -6.04 -2.32
N TYR B 73 -24.73 -5.53 -3.23
CA TYR B 73 -24.34 -4.10 -3.28
C TYR B 73 -25.57 -3.18 -3.32
N LYS B 74 -26.60 -3.53 -4.08
CA LYS B 74 -27.83 -2.70 -4.21
C LYS B 74 -29.01 -3.42 -3.55
N SER B 75 -28.74 -4.34 -2.64
CA SER B 75 -29.77 -5.10 -1.90
C SER B 75 -30.46 -4.19 -0.88
N ASP B 76 -31.68 -4.55 -0.50
CA ASP B 76 -32.48 -3.88 0.56
C ASP B 76 -31.72 -3.93 1.88
N ASP B 77 -30.90 -4.96 2.08
CA ASP B 77 -30.20 -5.22 3.35
C ASP B 77 -28.68 -5.06 3.12
N ASN B 78 -28.27 -4.09 2.29
CA ASN B 78 -26.83 -3.78 2.03
C ASN B 78 -26.19 -3.10 3.25
N TYR B 79 -26.99 -2.64 4.23
CA TYR B 79 -26.51 -2.23 5.57
C TYR B 79 -25.66 -3.35 6.19
N LYS B 80 -25.88 -4.60 5.78
CA LYS B 80 -25.20 -5.78 6.37
C LYS B 80 -23.72 -5.79 5.96
N TYR B 81 -23.37 -5.11 4.88
CA TYR B 81 -22.07 -5.28 4.19
C TYR B 81 -21.29 -3.96 4.19
N ILE B 82 -21.73 -2.99 4.99
CA ILE B 82 -21.00 -1.72 5.16
C ILE B 82 -19.56 -2.06 5.60
N GLY B 83 -18.58 -1.58 4.86
CA GLY B 83 -17.15 -1.75 5.18
C GLY B 83 -16.57 -3.01 4.55
N ILE B 84 -17.36 -3.93 3.97
CA ILE B 84 -16.77 -5.12 3.29
C ILE B 84 -16.24 -4.65 1.93
N PRO B 85 -14.91 -4.79 1.65
CA PRO B 85 -14.35 -4.28 0.40
C PRO B 85 -15.03 -4.87 -0.84
N LEU B 86 -15.16 -4.03 -1.87
CA LEU B 86 -15.69 -4.38 -3.21
C LEU B 86 -14.49 -4.56 -4.13
N LEU B 87 -14.13 -5.80 -4.43
CA LEU B 87 -12.96 -6.12 -5.28
C LEU B 87 -13.28 -5.77 -6.72
N ASN B 88 -12.30 -5.22 -7.42
CA ASN B 88 -12.30 -4.94 -8.87
C ASN B 88 -12.57 -6.25 -9.65
N ALA B 89 -12.23 -7.43 -9.12
CA ALA B 89 -12.45 -8.73 -9.81
C ALA B 89 -13.93 -9.08 -9.87
N PHE B 90 -14.72 -8.61 -8.90
CA PHE B 90 -16.19 -8.77 -8.90
C PHE B 90 -16.81 -7.60 -9.69
N VAL B 91 -17.83 -7.91 -10.47
CA VAL B 91 -18.28 -7.04 -11.60
C VAL B 91 -19.73 -6.58 -11.35
N GLU B 92 -20.60 -7.42 -10.77
CA GLU B 92 -21.99 -7.04 -10.43
C GLU B 92 -22.05 -5.64 -9.79
N TRP B 93 -21.29 -5.36 -8.74
CA TRP B 93 -21.36 -4.07 -8.05
C TRP B 93 -20.99 -2.96 -9.03
N GLN B 94 -20.07 -3.22 -9.96
CA GLN B 94 -19.52 -2.17 -10.86
C GLN B 94 -20.59 -1.85 -11.90
N ILE B 95 -21.44 -2.81 -12.26
CA ILE B 95 -22.61 -2.58 -13.15
C ILE B 95 -23.66 -1.80 -12.37
N GLU B 96 -23.99 -2.21 -11.14
CA GLU B 96 -25.03 -1.57 -10.31
C GLU B 96 -24.63 -0.14 -9.90
N GLU B 97 -23.35 0.17 -9.86
CA GLU B 97 -22.83 1.50 -9.50
C GLU B 97 -23.14 2.51 -10.62
N ILE B 98 -23.36 2.06 -11.85
CA ILE B 98 -23.63 2.99 -12.98
C ILE B 98 -24.81 3.92 -12.61
N ASP B 99 -24.63 5.21 -12.78
CA ASP B 99 -25.66 6.24 -12.52
C ASP B 99 -27.05 5.73 -12.93
N ASP B 100 -27.88 5.51 -11.91
CA ASP B 100 -29.26 5.00 -12.02
C ASP B 100 -30.14 5.93 -12.86
N SER B 101 -29.82 7.23 -12.92
CA SER B 101 -30.67 8.25 -13.60
C SER B 101 -30.55 8.18 -15.14
N LEU B 102 -29.59 7.43 -15.69
CA LEU B 102 -29.35 7.34 -17.15
C LEU B 102 -30.48 6.58 -17.84
N ASP B 103 -30.77 6.89 -19.11
CA ASP B 103 -31.67 6.07 -19.98
C ASP B 103 -31.07 4.66 -20.17
N ASP B 104 -31.88 3.68 -20.54
CA ASP B 104 -31.44 2.26 -20.70
C ASP B 104 -30.35 2.15 -21.77
N LYS B 105 -30.47 2.88 -22.88
CA LYS B 105 -29.51 2.79 -24.02
C LYS B 105 -28.14 3.27 -23.53
N SER B 106 -28.12 4.38 -22.77
CA SER B 106 -26.86 4.92 -22.20
C SER B 106 -26.24 3.89 -21.28
N LYS B 107 -27.02 3.28 -20.40
CA LYS B 107 -26.50 2.25 -19.46
C LYS B 107 -25.90 1.08 -20.25
N GLU B 108 -26.57 0.60 -21.30
CA GLU B 108 -26.05 -0.55 -22.12
C GLU B 108 -24.69 -0.15 -22.72
N ILE B 109 -24.55 1.09 -23.19
CA ILE B 109 -23.25 1.56 -23.75
C ILE B 109 -22.21 1.61 -22.63
N ILE B 110 -22.57 2.03 -21.42
CA ILE B 110 -21.60 2.12 -20.31
C ILE B 110 -21.22 0.69 -19.91
N LYS B 111 -22.22 -0.17 -19.72
CA LYS B 111 -22.05 -1.60 -19.40
C LYS B 111 -21.04 -2.24 -20.37
N SER B 112 -21.20 -2.09 -21.68
CA SER B 112 -20.24 -2.65 -22.68
C SER B 112 -18.85 -2.03 -22.49
N TYR B 113 -18.75 -0.73 -22.27
CA TYR B 113 -17.46 -0.05 -22.03
C TYR B 113 -16.76 -0.68 -20.82
N LEU B 114 -17.49 -0.94 -19.73
CA LEU B 114 -16.92 -1.54 -18.50
C LEU B 114 -16.51 -3.01 -18.75
N ILE B 115 -17.38 -3.82 -19.32
CA ILE B 115 -17.08 -5.26 -19.58
C ILE B 115 -15.79 -5.31 -20.40
N SER B 116 -15.70 -4.55 -21.49
CA SER B 116 -14.52 -4.58 -22.40
C SER B 116 -13.24 -4.16 -21.68
N LYS B 117 -13.28 -3.17 -20.79
CA LYS B 117 -12.06 -2.63 -20.13
C LYS B 117 -11.65 -3.60 -19.00
N LEU B 118 -12.61 -4.23 -18.32
CA LEU B 118 -12.30 -5.25 -17.29
C LEU B 118 -11.75 -6.52 -17.97
N SER B 119 -12.33 -6.96 -19.09
CA SER B 119 -11.80 -8.06 -19.92
C SER B 119 -10.33 -7.81 -20.29
N ALA B 120 -10.02 -6.64 -20.85
CA ALA B 120 -8.66 -6.28 -21.31
C ALA B 120 -7.70 -6.30 -20.13
N LYS B 121 -8.13 -5.84 -18.95
CA LYS B 121 -7.26 -5.69 -17.75
C LYS B 121 -6.85 -7.06 -17.18
N TYR B 122 -7.80 -8.00 -17.02
CA TYR B 122 -7.54 -9.36 -16.49
C TYR B 122 -7.21 -10.36 -17.62
N GLU B 123 -7.10 -9.91 -18.88
CA GLU B 123 -6.72 -10.77 -20.04
C GLU B 123 -5.28 -10.47 -20.49
N LYS B 124 -4.54 -9.57 -19.80
CA LYS B 124 -3.16 -9.18 -20.18
C LYS B 124 -2.18 -10.27 -19.68
N THR B 125 -1.60 -11.06 -20.59
CA THR B 125 -0.57 -12.12 -20.32
C THR B 125 0.62 -11.45 -19.60
N LYS B 126 1.02 -11.98 -18.44
CA LYS B 126 2.17 -11.48 -17.63
C LYS B 126 3.34 -12.43 -17.81
N THR B 127 4.58 -11.93 -17.76
CA THR B 127 5.80 -12.78 -17.74
C THR B 127 6.17 -12.99 -16.27
N GLU B 128 5.95 -14.20 -15.71
CA GLU B 128 6.13 -14.51 -14.26
C GLU B 128 6.37 -16.01 -13.99
N ASN B 129 6.98 -16.32 -12.86
CA ASN B 129 7.13 -17.71 -12.35
C ASN B 129 5.96 -17.92 -11.38
N ALA B 130 4.78 -18.30 -11.90
CA ALA B 130 3.51 -18.41 -11.12
C ALA B 130 3.58 -19.54 -10.11
N VAL B 131 2.94 -19.34 -8.96
CA VAL B 131 2.76 -20.41 -7.94
C VAL B 131 1.41 -21.06 -8.20
N ARG B 132 1.43 -22.37 -8.41
CA ARG B 132 0.28 -23.27 -8.58
C ARG B 132 -0.44 -23.41 -7.24
N VAL B 133 -1.58 -22.77 -7.04
CA VAL B 133 -2.34 -22.92 -5.76
C VAL B 133 -3.57 -23.79 -6.02
N ARG B 134 -3.70 -24.85 -5.23
CA ARG B 134 -4.68 -25.95 -5.46
C ARG B 134 -5.88 -25.62 -4.56
N LEU B 135 -6.95 -25.15 -5.16
CA LEU B 135 -8.20 -24.89 -4.42
C LEU B 135 -9.14 -26.09 -4.61
N SER B 136 -9.45 -26.79 -3.52
CA SER B 136 -10.55 -27.79 -3.47
C SER B 136 -11.89 -27.04 -3.41
N ILE B 137 -12.78 -27.27 -4.37
CA ILE B 137 -14.12 -26.62 -4.48
C ILE B 137 -15.15 -27.41 -3.65
N CYS B 138 -15.54 -26.88 -2.48
CA CYS B 138 -16.63 -27.42 -1.63
C CYS B 138 -17.98 -27.30 -2.36
N ARG B 139 -18.96 -28.05 -1.89
CA ARG B 139 -20.30 -28.10 -2.53
C ARG B 139 -20.90 -26.70 -2.61
N ASP B 140 -20.82 -25.89 -1.55
CA ASP B 140 -21.43 -24.52 -1.53
C ASP B 140 -20.76 -23.65 -2.59
N LEU B 141 -19.44 -23.69 -2.71
CA LEU B 141 -18.70 -22.89 -3.73
C LEU B 141 -19.04 -23.44 -5.12
N TYR B 142 -19.17 -24.75 -5.28
CA TYR B 142 -19.50 -25.34 -6.60
C TYR B 142 -20.83 -24.76 -7.09
N ASP B 143 -21.83 -24.73 -6.21
CA ASP B 143 -23.21 -24.28 -6.53
C ASP B 143 -23.22 -22.77 -6.81
N THR B 144 -22.36 -21.98 -6.17
CA THR B 144 -22.19 -20.53 -6.50
C THR B 144 -21.56 -20.39 -7.89
N LEU B 145 -20.50 -21.14 -8.17
CA LEU B 145 -19.74 -21.00 -9.45
C LEU B 145 -20.53 -21.60 -10.62
N SER B 146 -21.61 -22.34 -10.34
CA SER B 146 -22.50 -22.91 -11.41
C SER B 146 -23.84 -22.15 -11.45
N SER B 147 -24.05 -21.16 -10.58
CA SER B 147 -25.33 -20.40 -10.49
C SER B 147 -25.39 -19.35 -11.59
N ASP B 148 -26.55 -18.72 -11.74
CA ASP B 148 -26.77 -17.63 -12.71
C ASP B 148 -26.42 -16.28 -12.07
N ASP B 149 -25.86 -16.27 -10.85
CA ASP B 149 -25.67 -15.03 -10.05
C ASP B 149 -24.25 -14.49 -10.26
N LEU B 150 -23.57 -14.89 -11.32
CA LEU B 150 -22.22 -14.38 -11.72
C LEU B 150 -22.27 -13.94 -13.18
N TYR B 151 -23.42 -13.40 -13.61
CA TYR B 151 -23.70 -13.06 -15.03
C TYR B 151 -22.51 -12.29 -15.63
N TYR B 152 -22.11 -11.17 -15.02
CA TYR B 152 -21.13 -10.23 -15.60
C TYR B 152 -19.70 -10.80 -15.47
N GLU B 153 -19.43 -11.57 -14.41
CA GLU B 153 -18.12 -12.22 -14.22
C GLU B 153 -17.89 -13.23 -15.36
N ASN B 154 -18.91 -14.00 -15.70
CA ASN B 154 -18.87 -15.01 -16.81
C ASN B 154 -18.47 -14.32 -18.12
N LYS B 155 -18.94 -13.09 -18.35
CA LYS B 155 -18.67 -12.32 -19.59
C LYS B 155 -17.25 -11.74 -19.52
N VAL B 156 -16.89 -11.11 -18.40
CA VAL B 156 -15.54 -10.48 -18.23
C VAL B 156 -14.44 -11.53 -18.35
N TYR B 157 -14.63 -12.71 -17.77
CA TYR B 157 -13.56 -13.74 -17.66
C TYR B 157 -13.80 -14.84 -18.73
N SER B 158 -14.68 -14.58 -19.71
CA SER B 158 -15.05 -15.50 -20.82
C SER B 158 -15.22 -16.93 -20.29
N LEU B 159 -16.09 -17.12 -19.28
CA LEU B 159 -16.49 -18.45 -18.73
C LEU B 159 -15.27 -19.24 -18.20
N THR B 160 -14.12 -18.61 -17.94
CA THR B 160 -12.88 -19.34 -17.56
C THR B 160 -12.61 -19.17 -16.07
N LEU B 161 -12.96 -20.18 -15.27
CA LEU B 161 -12.83 -20.14 -13.78
C LEU B 161 -11.40 -19.74 -13.37
N ARG B 162 -10.39 -20.32 -14.04
CA ARG B 162 -8.95 -20.07 -13.76
C ARG B 162 -8.69 -18.55 -13.73
N ARG B 163 -9.15 -17.86 -14.77
CA ARG B 163 -8.95 -16.41 -14.98
C ARG B 163 -9.68 -15.65 -13.86
N PHE B 164 -10.93 -16.00 -13.57
CA PHE B 164 -11.79 -15.31 -12.56
C PHE B 164 -11.10 -15.41 -11.18
N LEU B 165 -10.75 -16.63 -10.77
CA LEU B 165 -10.19 -16.87 -9.41
C LEU B 165 -8.82 -16.21 -9.31
N LYS B 166 -8.00 -16.25 -10.35
CA LYS B 166 -6.67 -15.59 -10.31
C LYS B 166 -6.87 -14.10 -10.03
N ALA B 167 -7.86 -13.51 -10.71
CA ALA B 167 -8.19 -12.07 -10.60
C ALA B 167 -8.65 -11.78 -9.16
N VAL B 168 -9.50 -12.62 -8.60
CA VAL B 168 -10.00 -12.42 -7.21
C VAL B 168 -8.81 -12.36 -6.25
N TYR B 169 -7.86 -13.30 -6.33
CA TYR B 169 -6.80 -13.48 -5.29
C TYR B 169 -5.68 -12.47 -5.54
N GLU B 170 -5.37 -12.15 -6.80
CA GLU B 170 -4.39 -11.08 -7.12
C GLU B 170 -4.95 -9.74 -6.59
N ASP B 171 -6.24 -9.50 -6.75
CA ASP B 171 -6.83 -8.22 -6.23
C ASP B 171 -6.83 -8.23 -4.69
N TYR B 172 -7.23 -9.35 -4.08
CA TYR B 172 -7.17 -9.51 -2.60
C TYR B 172 -5.80 -9.04 -2.11
N ALA B 173 -4.73 -9.58 -2.71
CA ALA B 173 -3.32 -9.37 -2.31
C ALA B 173 -2.90 -7.91 -2.40
N LEU B 174 -3.60 -7.07 -3.17
CA LEU B 174 -3.22 -5.64 -3.38
C LEU B 174 -3.90 -4.74 -2.34
N LEU B 175 -4.92 -5.24 -1.67
CA LEU B 175 -5.68 -4.43 -0.67
C LEU B 175 -4.77 -4.07 0.50
N SER B 176 -5.10 -3.00 1.21
CA SER B 176 -4.42 -2.63 2.48
C SER B 176 -4.62 -3.74 3.53
N ASP B 177 -3.79 -3.78 4.57
CA ASP B 177 -3.93 -4.74 5.68
C ASP B 177 -5.36 -4.69 6.22
N CYS B 178 -5.90 -3.50 6.52
CA CYS B 178 -7.23 -3.35 7.16
C CYS B 178 -8.32 -3.81 6.20
N GLU B 179 -8.15 -3.59 4.89
CA GLU B 179 -9.16 -4.09 3.93
C GLU B 179 -9.13 -5.61 3.92
N ARG B 180 -7.96 -6.22 3.86
CA ARG B 180 -7.87 -7.71 3.79
C ARG B 180 -8.49 -8.28 5.05
N GLU B 181 -8.27 -7.63 6.18
CA GLU B 181 -8.77 -8.10 7.49
C GLU B 181 -10.31 -8.08 7.51
N ARG B 182 -10.93 -7.12 6.84
CA ARG B 182 -12.42 -6.99 6.86
C ARG B 182 -13.03 -8.10 6.01
N LEU B 183 -12.37 -8.52 4.93
CA LEU B 183 -12.81 -9.70 4.15
C LEU B 183 -12.70 -10.96 5.02
N ILE B 184 -11.60 -11.14 5.74
CA ILE B 184 -11.36 -12.37 6.54
C ILE B 184 -12.38 -12.45 7.68
N PHE B 185 -12.72 -11.33 8.32
CA PHE B 185 -13.59 -11.30 9.51
C PHE B 185 -14.96 -10.74 9.14
N ALA B 186 -15.36 -10.93 7.89
CA ALA B 186 -16.62 -10.40 7.35
C ALA B 186 -17.80 -10.83 8.22
N ASP B 187 -17.79 -12.08 8.70
CA ASP B 187 -18.91 -12.67 9.47
C ASP B 187 -19.07 -11.81 10.74
N ASN B 188 -17.99 -11.47 11.46
CA ASN B 188 -18.06 -10.56 12.64
C ASN B 188 -18.66 -9.22 12.17
N ILE B 189 -18.21 -8.73 11.02
CA ILE B 189 -18.59 -7.36 10.58
C ILE B 189 -20.07 -7.33 10.26
N ILE B 190 -20.56 -8.37 9.58
CA ILE B 190 -21.99 -8.52 9.16
C ILE B 190 -22.89 -8.51 10.42
N LYS B 191 -22.53 -9.26 11.47
CA LYS B 191 -23.35 -9.37 12.70
C LYS B 191 -23.33 -8.00 13.40
N ILE B 192 -22.16 -7.36 13.46
CA ILE B 192 -22.05 -5.99 14.04
C ILE B 192 -22.95 -5.02 13.25
N ASN B 193 -22.91 -5.07 11.92
CA ASN B 193 -23.69 -4.13 11.06
C ASN B 193 -25.19 -4.33 11.31
N GLU B 194 -25.62 -5.58 11.49
CA GLU B 194 -27.05 -5.90 11.76
C GLU B 194 -27.46 -5.17 13.05
N VAL B 195 -26.63 -5.24 14.10
CA VAL B 195 -26.94 -4.70 15.46
C VAL B 195 -26.92 -3.17 15.39
N ILE B 196 -25.97 -2.59 14.65
CA ILE B 196 -25.86 -1.10 14.53
C ILE B 196 -27.18 -0.57 13.93
N LYS B 197 -27.70 -1.23 12.89
CA LYS B 197 -28.94 -0.80 12.19
C LYS B 197 -30.13 -0.93 13.16
N GLN B 198 -30.32 -2.10 13.77
CA GLN B 198 -31.44 -2.38 14.72
C GLN B 198 -31.45 -1.32 15.82
N ASN B 199 -30.26 -0.94 16.33
CA ASN B 199 -30.12 -0.03 17.51
C ASN B 199 -30.31 1.43 17.09
N GLY B 200 -29.94 1.80 15.86
CA GLY B 200 -29.84 3.21 15.44
C GLY B 200 -29.21 4.07 16.54
N SER B 201 -29.91 5.11 16.97
CA SER B 201 -29.46 6.12 17.97
C SER B 201 -30.00 5.77 19.37
N ARG B 202 -30.79 4.70 19.48
CA ARG B 202 -31.59 4.38 20.69
C ARG B 202 -30.80 3.40 21.57
N TYR B 203 -29.91 2.59 20.98
CA TYR B 203 -29.02 1.64 21.71
C TYR B 203 -29.87 0.85 22.71
N TYR B 204 -30.99 0.31 22.22
CA TYR B 204 -31.95 -0.52 22.99
C TYR B 204 -31.28 -1.82 23.44
N SER B 205 -30.35 -2.35 22.63
CA SER B 205 -29.87 -3.76 22.72
C SER B 205 -28.34 -3.84 22.80
N PHE B 206 -27.86 -4.94 23.38
CA PHE B 206 -26.44 -5.35 23.42
C PHE B 206 -26.34 -6.71 22.72
N ILE B 207 -25.14 -7.09 22.29
CA ILE B 207 -24.78 -8.50 21.95
C ILE B 207 -23.75 -9.01 22.97
N TYR B 208 -23.82 -10.32 23.24
CA TYR B 208 -22.75 -11.08 23.93
C TYR B 208 -21.68 -11.32 22.88
N ALA B 209 -20.41 -11.31 23.27
CA ALA B 209 -19.28 -11.69 22.38
C ALA B 209 -18.14 -12.26 23.21
N TYR B 210 -17.29 -13.06 22.56
CA TYR B 210 -16.08 -13.64 23.19
C TYR B 210 -14.90 -12.77 22.77
N SER B 211 -14.08 -12.38 23.73
CA SER B 211 -12.92 -11.47 23.58
C SER B 211 -11.66 -12.10 24.19
N ASN B 212 -10.57 -12.10 23.45
CA ASN B 212 -9.21 -12.27 24.04
C ASN B 212 -8.43 -10.99 23.73
N TYR B 214 -8.38 -8.34 25.86
CA TYR B 214 -7.84 -7.88 27.17
C TYR B 214 -7.57 -9.08 28.09
N SER B 215 -7.54 -10.30 27.54
CA SER B 215 -7.33 -11.56 28.30
C SER B 215 -6.65 -12.62 27.41
N ARG B 216 -5.87 -13.53 28.00
CA ARG B 216 -5.24 -14.68 27.31
C ARG B 216 -6.33 -15.69 26.96
N GLU B 217 -7.22 -16.05 27.91
CA GLU B 217 -8.41 -16.90 27.64
C GLU B 217 -9.60 -15.99 27.25
N LYS B 218 -10.42 -16.47 26.31
CA LYS B 218 -11.70 -15.89 25.87
C LYS B 218 -12.59 -15.58 27.08
N ARG B 219 -13.07 -14.32 27.17
CA ARG B 219 -14.12 -13.82 28.11
C ARG B 219 -15.42 -13.58 27.33
N ARG B 220 -16.55 -14.13 27.78
CA ARG B 220 -17.91 -13.75 27.29
C ARG B 220 -18.28 -12.40 27.92
N ILE B 221 -18.34 -11.36 27.10
CA ILE B 221 -18.64 -9.95 27.51
C ILE B 221 -19.89 -9.48 26.77
N ARG B 222 -20.42 -8.32 27.16
CA ARG B 222 -21.57 -7.65 26.52
C ARG B 222 -21.05 -6.39 25.81
N LEU B 223 -21.39 -6.25 24.52
CA LEU B 223 -21.01 -5.09 23.69
C LEU B 223 -22.27 -4.36 23.23
N ILE B 224 -22.20 -3.03 23.25
CA ILE B 224 -23.14 -2.13 22.53
C ILE B 224 -22.33 -1.48 21.42
N PRO B 225 -22.37 -2.03 20.18
CA PRO B 225 -21.54 -1.53 19.09
C PRO B 225 -21.83 -0.07 18.77
N TYR B 226 -20.82 0.70 18.38
CA TYR B 226 -20.99 2.09 17.91
C TYR B 226 -20.56 2.20 16.43
N ARG B 227 -19.30 1.93 16.14
CA ARG B 227 -18.80 1.99 14.74
C ARG B 227 -17.50 1.18 14.64
N ILE B 228 -17.31 0.53 13.50
CA ILE B 228 -16.03 -0.14 13.13
C ILE B 228 -15.16 0.92 12.46
N VAL B 229 -13.89 1.07 12.87
CA VAL B 229 -12.96 2.03 12.24
C VAL B 229 -11.64 1.31 12.00
N SER B 230 -10.86 1.84 11.08
CA SER B 230 -9.43 1.54 10.87
C SER B 230 -8.62 2.56 11.62
N ASP B 231 -7.41 2.22 12.05
CA ASP B 231 -6.39 3.25 12.36
C ASP B 231 -6.03 4.01 11.08
N GLU B 232 -5.37 5.15 11.23
CA GLU B 232 -5.05 6.05 10.11
C GLU B 232 -3.99 5.40 9.19
N TYR B 233 -3.28 4.35 9.63
CA TYR B 233 -2.20 3.71 8.81
C TYR B 233 -2.73 2.46 8.12
N LYS B 234 -4.04 2.23 8.18
CA LYS B 234 -4.71 1.14 7.42
C LYS B 234 -4.15 -0.22 7.86
N TYR B 236 -5.13 -2.05 11.25
CA TYR B 236 -6.12 -2.88 11.97
C TYR B 236 -7.49 -2.24 11.99
N ASN B 237 -8.54 -3.07 12.06
CA ASN B 237 -9.93 -2.64 12.28
C ASN B 237 -10.28 -2.82 13.76
N TYR B 238 -11.01 -1.84 14.31
CA TYR B 238 -11.47 -1.80 15.72
C TYR B 238 -12.99 -1.63 15.74
N LEU B 239 -13.69 -2.34 16.62
CA LEU B 239 -15.08 -2.00 17.00
C LEU B 239 -15.01 -1.01 18.16
N VAL B 240 -15.35 0.24 17.90
CA VAL B 240 -15.59 1.23 18.98
C VAL B 240 -17.00 0.98 19.52
N CYS B 241 -17.14 0.84 20.82
CA CYS B 241 -18.41 0.34 21.44
C CYS B 241 -18.47 0.73 22.92
N LEU B 242 -19.58 0.41 23.58
CA LEU B 242 -19.60 0.30 25.07
C LEU B 242 -19.46 -1.19 25.41
N SER B 243 -18.69 -1.49 26.46
CA SER B 243 -18.43 -2.87 26.94
C SER B 243 -18.52 -2.93 28.47
N ASP B 244 -18.90 -4.10 28.99
CA ASP B 244 -19.00 -4.36 30.45
C ASP B 244 -17.76 -5.13 30.92
N GLU B 245 -16.73 -5.25 30.09
CA GLU B 245 -15.54 -6.07 30.42
C GLU B 245 -14.80 -5.44 31.61
N LYS B 246 -14.54 -4.13 31.54
CA LYS B 246 -13.58 -3.43 32.44
C LYS B 246 -14.09 -3.44 33.90
N SER B 247 -15.41 -3.45 34.08
CA SER B 247 -16.07 -3.52 35.41
C SER B 247 -16.51 -4.96 35.70
N ALA B 248 -16.18 -5.90 34.81
CA ALA B 248 -16.47 -7.34 34.96
C ALA B 248 -17.97 -7.56 35.12
N GLY B 249 -18.77 -7.09 34.15
CA GLY B 249 -20.23 -7.33 34.10
C GLY B 249 -21.05 -6.22 34.74
N LYS B 250 -20.45 -5.41 35.61
CA LYS B 250 -21.20 -4.46 36.49
C LYS B 250 -21.80 -3.31 35.65
N GLU B 251 -21.08 -2.72 34.69
CA GLU B 251 -21.57 -1.51 33.96
C GLU B 251 -20.84 -1.35 32.62
N PHE B 252 -21.47 -0.59 31.72
CA PHE B 252 -21.01 -0.36 30.33
C PHE B 252 -20.10 0.87 30.29
N LYS B 253 -18.91 0.72 29.69
CA LYS B 253 -17.93 1.82 29.44
C LYS B 253 -17.44 1.75 27.99
N ALA B 254 -17.20 2.90 27.38
CA ALA B 254 -16.63 3.04 26.03
C ALA B 254 -15.33 2.22 25.95
N ASP B 255 -15.12 1.54 24.84
CA ASP B 255 -13.85 0.81 24.57
C ASP B 255 -13.69 0.61 23.07
N SER B 256 -12.51 0.10 22.70
CA SER B 256 -12.11 -0.25 21.32
C SER B 256 -11.50 -1.65 21.27
N TYR B 257 -12.19 -2.59 20.61
CA TYR B 257 -11.76 -3.99 20.42
C TYR B 257 -11.28 -4.23 18.97
N ARG B 258 -10.08 -4.77 18.80
CA ARG B 258 -9.65 -5.34 17.48
C ARG B 258 -10.74 -6.32 17.02
N ILE B 259 -11.25 -6.18 15.80
CA ILE B 259 -12.31 -7.13 15.34
C ILE B 259 -11.70 -8.55 15.26
N SER B 260 -10.39 -8.67 15.12
CA SER B 260 -9.70 -9.98 15.05
C SER B 260 -9.68 -10.68 16.41
N ARG B 261 -10.01 -10.01 17.52
CA ARG B 261 -10.01 -10.61 18.89
C ARG B 261 -11.43 -10.80 19.41
N LEU B 262 -12.46 -10.63 18.58
CA LEU B 262 -13.87 -11.00 18.91
C LEU B 262 -14.25 -12.26 18.15
N SER B 263 -15.14 -13.07 18.72
CA SER B 263 -15.73 -14.27 18.10
C SER B 263 -17.07 -14.58 18.79
N GLY B 264 -17.81 -15.53 18.20
CA GLY B 264 -19.00 -16.16 18.79
C GLY B 264 -20.03 -15.11 19.18
N LEU B 265 -20.24 -14.13 18.30
CA LEU B 265 -21.22 -13.03 18.51
C LEU B 265 -22.65 -13.60 18.58
N SER B 266 -23.44 -13.18 19.57
CA SER B 266 -24.87 -13.57 19.69
C SER B 266 -25.78 -12.59 18.92
N ILE B 267 -27.04 -13.00 18.71
CA ILE B 267 -28.21 -12.13 18.37
C ILE B 267 -28.22 -10.97 19.38
N ALA B 268 -28.73 -9.80 18.99
CA ALA B 268 -29.02 -8.69 19.93
C ALA B 268 -30.15 -9.09 20.89
N GLU B 269 -29.97 -8.82 22.18
CA GLU B 269 -31.02 -8.85 23.24
C GLU B 269 -31.18 -7.44 23.80
N LYS B 270 -32.40 -7.08 24.22
CA LYS B 270 -32.74 -5.75 24.79
C LYS B 270 -32.12 -5.65 26.19
N LEU B 271 -31.57 -4.49 26.54
CA LEU B 271 -31.09 -4.15 27.91
C LEU B 271 -32.29 -4.05 28.86
N SER B 272 -32.09 -4.32 30.15
CA SER B 272 -33.06 -4.09 31.26
C SER B 272 -33.13 -2.58 31.54
N GLN B 273 -34.23 -2.09 32.12
CA GLN B 273 -34.54 -0.64 32.27
C GLN B 273 -33.47 0.04 33.15
N LYS B 274 -33.08 -0.62 34.24
CA LYS B 274 -31.92 -0.21 35.09
C LYS B 274 -30.70 0.00 34.18
N GLU B 275 -30.34 -0.98 33.35
CA GLU B 275 -29.12 -0.93 32.48
C GLU B 275 -29.31 0.09 31.35
N TYR B 276 -30.48 0.11 30.69
CA TYR B 276 -30.78 1.09 29.62
C TYR B 276 -30.65 2.51 30.19
N SER B 277 -31.05 2.75 31.45
CA SER B 277 -31.02 4.08 32.14
C SER B 277 -29.58 4.45 32.54
N SER B 278 -28.66 3.49 32.72
CA SER B 278 -27.20 3.75 32.90
C SER B 278 -26.59 4.25 31.58
N VAL B 279 -27.11 3.78 30.43
CA VAL B 279 -26.47 4.05 29.11
C VAL B 279 -27.07 5.31 28.48
N THR B 280 -28.38 5.45 28.54
CA THR B 280 -29.11 6.53 27.81
C THR B 280 -29.94 7.39 28.79
N GLU B 281 -30.20 8.62 28.37
CA GLU B 281 -31.24 9.53 28.91
C GLU B 281 -31.98 10.13 27.71
N TYR B 282 -33.31 10.18 27.82
CA TYR B 282 -34.26 10.60 26.75
C TYR B 282 -33.91 9.81 25.48
N GLU B 283 -33.61 8.51 25.62
CA GLU B 283 -33.32 7.55 24.52
C GLU B 283 -32.11 7.98 23.66
N ARG B 284 -31.20 8.75 24.25
CA ARG B 284 -29.94 9.15 23.59
C ARG B 284 -28.77 8.74 24.50
N LEU B 285 -27.67 8.32 23.89
CA LEU B 285 -26.38 8.08 24.56
C LEU B 285 -26.04 9.27 25.45
N LYS B 286 -25.72 9.01 26.73
CA LYS B 286 -25.37 10.09 27.69
C LYS B 286 -24.09 10.79 27.23
N GLU B 287 -24.00 12.09 27.49
CA GLU B 287 -22.90 13.01 27.09
C GLU B 287 -21.52 12.32 27.33
N GLY B 288 -21.38 11.61 28.46
CA GLY B 288 -20.12 10.97 28.91
C GLY B 288 -19.69 9.85 27.99
N HIS B 289 -20.62 8.97 27.61
CA HIS B 289 -20.42 7.88 26.62
C HIS B 289 -20.10 8.50 25.25
N VAL B 290 -20.86 9.51 24.82
CA VAL B 290 -20.61 10.20 23.51
C VAL B 290 -19.16 10.69 23.47
N LYS B 291 -18.70 11.39 24.53
CA LYS B 291 -17.37 12.06 24.60
C LYS B 291 -16.26 10.99 24.50
N SER B 292 -16.39 9.90 25.27
CA SER B 292 -15.42 8.80 25.35
C SER B 292 -15.37 8.07 24.01
N VAL B 293 -16.53 7.81 23.41
CA VAL B 293 -16.63 7.17 22.06
C VAL B 293 -15.91 8.05 21.04
N LYS B 294 -16.16 9.36 21.06
CA LYS B 294 -15.51 10.32 20.11
C LYS B 294 -13.98 10.23 20.20
N HIS B 295 -13.38 10.20 21.41
CA HIS B 295 -11.91 10.06 21.63
C HIS B 295 -11.41 8.77 20.95
N LEU B 296 -12.11 7.64 21.12
CA LEU B 296 -11.73 6.32 20.53
C LEU B 296 -11.87 6.31 19.01
N LEU B 297 -12.86 7.02 18.44
CA LEU B 297 -13.00 7.13 16.96
C LEU B 297 -11.73 7.75 16.37
N SER B 298 -11.13 8.75 17.02
CA SER B 298 -9.98 9.47 16.42
C SER B 298 -8.68 8.74 16.74
N ASP B 299 -8.58 8.07 17.90
CA ASP B 299 -7.44 7.15 18.21
C ASP B 299 -7.95 5.81 18.73
N PRO B 300 -8.28 4.84 17.88
CA PRO B 300 -8.85 3.59 18.35
C PRO B 300 -7.84 2.59 18.91
N ARG B 301 -6.53 2.85 18.78
CA ARG B 301 -5.52 1.98 19.42
C ARG B 301 -5.20 2.47 20.83
N PHE B 302 -4.88 3.74 20.98
CA PHE B 302 -4.30 4.30 22.24
C PHE B 302 -5.35 5.10 23.02
N GLY B 303 -6.45 5.50 22.42
CA GLY B 303 -7.53 6.20 23.16
C GLY B 303 -8.01 5.42 24.37
N SER B 304 -7.99 4.08 24.31
CA SER B 304 -8.47 3.10 25.33
C SER B 304 -7.64 3.16 26.63
N ASP B 305 -6.36 3.55 26.56
CA ASP B 305 -5.44 3.69 27.72
C ASP B 305 -5.64 5.07 28.39
N GLU B 306 -4.92 5.38 29.48
CA GLU B 306 -5.17 6.56 30.38
C GLU B 306 -4.12 7.69 30.20
N SER B 307 -4.59 8.95 30.29
CA SER B 307 -3.84 10.24 30.12
C SER B 307 -2.96 10.55 31.34
N ASP B 308 -1.77 9.94 31.41
CA ASP B 308 -0.73 10.18 32.44
C ASP B 308 0.40 11.02 31.83
N ILE B 309 1.22 11.67 32.66
CA ILE B 309 2.34 12.54 32.21
C ILE B 309 3.54 11.65 31.90
N SER B 310 4.16 11.84 30.74
CA SER B 310 5.49 11.32 30.41
C SER B 310 6.37 12.55 30.23
N LYS B 311 7.52 12.58 30.89
CA LYS B 311 8.53 13.64 30.72
C LYS B 311 9.57 13.14 29.73
N VAL B 312 9.74 13.88 28.63
CA VAL B 312 10.73 13.53 27.57
C VAL B 312 11.60 14.74 27.27
N TYR B 313 12.91 14.60 27.44
CA TYR B 313 13.92 15.61 27.03
C TYR B 313 14.12 15.46 25.53
N LEU B 314 13.81 16.51 24.77
CA LEU B 314 14.09 16.57 23.31
C LEU B 314 15.29 17.50 23.10
N THR B 315 16.27 17.08 22.31
CA THR B 315 17.30 17.98 21.75
C THR B 315 16.69 18.75 20.58
N GLU B 316 17.47 19.64 19.98
CA GLU B 316 17.08 20.35 18.74
C GLU B 316 16.80 19.30 17.66
N LYS B 317 17.73 18.36 17.49
CA LYS B 317 17.56 17.23 16.55
C LYS B 317 16.27 16.45 16.89
N GLY B 318 15.97 16.27 18.17
CA GLY B 318 14.76 15.55 18.64
C GLY B 318 13.48 16.23 18.18
N VAL B 319 13.45 17.56 18.24
CA VAL B 319 12.28 18.39 17.83
C VAL B 319 12.13 18.28 16.32
N GLU B 320 13.25 18.29 15.58
CA GLU B 320 13.24 18.14 14.10
C GLU B 320 12.69 16.75 13.76
N PHE B 322 10.70 14.91 15.66
CA PHE B 322 9.29 14.98 16.11
C PHE B 322 8.44 15.60 15.00
N ARG B 323 8.93 16.67 14.38
CA ARG B 323 8.21 17.39 13.30
C ARG B 323 8.01 16.45 12.10
N LYS B 324 8.98 15.60 11.77
CA LYS B 324 9.01 14.81 10.50
C LYS B 324 8.31 13.45 10.70
N ILE B 325 8.36 12.86 11.91
CA ILE B 325 7.83 11.48 12.13
C ILE B 325 6.46 11.59 12.83
N LEU B 326 5.41 11.35 12.05
CA LEU B 326 3.98 11.53 12.42
C LEU B 326 3.43 10.22 12.98
N TYR B 327 3.99 9.08 12.59
CA TYR B 327 3.46 7.74 12.95
C TYR B 327 3.28 7.62 14.46
N GLN B 328 2.05 7.50 14.94
CA GLN B 328 1.75 7.23 16.39
C GLN B 328 2.38 8.33 17.26
N ARG B 329 2.55 9.53 16.74
CA ARG B 329 3.28 10.62 17.44
C ARG B 329 2.40 11.11 18.59
N PRO B 330 2.92 11.21 19.82
CA PRO B 330 2.10 11.63 20.96
C PRO B 330 1.87 13.15 21.02
N ILE B 331 1.01 13.62 21.93
CA ILE B 331 0.71 15.07 22.05
C ILE B 331 1.16 15.63 23.40
N LEU B 332 1.49 16.93 23.42
CA LEU B 332 1.62 17.73 24.65
C LEU B 332 0.26 18.25 25.09
N LYS B 333 0.19 18.80 26.32
CA LYS B 333 -0.92 19.63 26.86
C LYS B 333 -1.34 20.66 25.80
N GLY B 334 -2.63 20.80 25.56
CA GLY B 334 -3.20 21.83 24.65
C GLY B 334 -2.58 21.76 23.26
N ASN B 335 -1.99 20.60 22.92
CA ASN B 335 -1.46 20.26 21.57
C ASN B 335 -0.29 21.20 21.18
N GLU B 336 0.46 21.70 22.17
CA GLU B 336 1.65 22.58 22.00
C GLU B 336 2.71 21.92 21.10
N LYS B 337 3.53 22.76 20.45
CA LYS B 337 4.80 22.35 19.78
C LYS B 337 5.78 21.97 20.88
N PRO B 338 6.62 20.93 20.70
CA PRO B 338 7.69 20.64 21.63
C PRO B 338 8.81 21.69 21.59
N LYS B 339 9.54 21.84 22.71
CA LYS B 339 10.59 22.88 22.90
C LYS B 339 11.96 22.18 22.94
N PRO B 340 12.94 22.67 22.14
CA PRO B 340 14.27 22.07 22.11
C PRO B 340 15.07 22.23 23.41
N ASN B 341 15.89 21.23 23.73
CA ASN B 341 16.84 21.29 24.88
C ASN B 341 16.07 21.51 26.19
N THR B 342 14.91 20.89 26.35
CA THR B 342 14.10 20.97 27.60
C THR B 342 13.27 19.70 27.77
N VAL B 343 12.81 19.47 29.01
CA VAL B 343 11.82 18.42 29.35
C VAL B 343 10.45 18.87 28.84
N ASN B 344 9.81 18.03 28.02
CA ASN B 344 8.45 18.25 27.49
C ASN B 344 7.52 17.23 28.14
N GLU B 345 6.30 17.64 28.43
CA GLU B 345 5.27 16.78 29.06
C GLU B 345 4.35 16.28 27.96
N PHE B 346 4.26 14.96 27.83
CA PHE B 346 3.36 14.29 26.88
C PHE B 346 2.21 13.77 27.73
N ILE B 347 0.99 13.88 27.21
CA ILE B 347 -0.25 13.48 27.92
C ILE B 347 -0.87 12.27 27.22
N SER B 348 -0.34 11.88 26.06
CA SER B 348 -0.72 10.61 25.41
C SER B 348 -0.42 9.49 26.38
N PRO B 349 -1.11 8.33 26.30
CA PRO B 349 -0.80 7.20 27.16
C PRO B 349 0.70 6.88 27.18
N PRO B 350 1.28 6.61 28.37
CA PRO B 350 2.72 6.35 28.48
C PRO B 350 3.24 5.30 27.47
N ILE B 351 2.44 4.28 27.18
CA ILE B 351 2.85 3.19 26.25
C ILE B 351 3.12 3.77 24.84
N GLN B 352 2.31 4.74 24.40
CA GLN B 352 2.45 5.36 23.05
C GLN B 352 3.69 6.24 23.05
N VAL B 353 3.94 6.97 24.14
CA VAL B 353 5.18 7.80 24.27
C VAL B 353 6.40 6.88 24.08
N LYS B 354 6.43 5.76 24.79
CA LYS B 354 7.51 4.75 24.76
C LYS B 354 7.69 4.22 23.33
N TYR B 355 6.60 3.82 22.66
CA TYR B 355 6.66 3.30 21.28
C TYR B 355 7.12 4.40 20.32
N TYR B 356 6.98 5.68 20.68
CA TYR B 356 7.45 6.76 19.80
C TYR B 356 8.92 7.09 20.01
N PHE B 357 9.34 7.22 21.28
CA PHE B 357 10.68 7.73 21.61
C PHE B 357 11.69 6.59 21.77
N ASN B 358 11.27 5.32 21.69
CA ASN B 358 12.23 4.20 21.80
C ASN B 358 13.31 4.27 20.71
N LYS B 359 13.06 4.92 19.55
CA LYS B 359 14.06 5.06 18.47
C LYS B 359 14.83 6.39 18.56
N PHE B 360 14.66 7.22 19.58
CA PHE B 360 15.24 8.58 19.59
C PHE B 360 16.60 8.61 20.30
N GLY B 361 16.91 7.61 21.13
CA GLY B 361 18.12 7.62 21.98
C GLY B 361 18.25 8.93 22.73
N LYS B 362 19.41 9.58 22.62
CA LYS B 362 19.74 10.80 23.38
C LYS B 362 18.87 12.00 22.94
N ASP B 363 18.21 11.95 21.78
CA ASP B 363 17.45 13.11 21.21
C ASP B 363 16.01 13.12 21.75
N GLY B 364 15.60 12.05 22.41
CA GLY B 364 14.26 11.88 23.02
C GLY B 364 14.36 10.97 24.21
N VAL B 365 14.79 11.48 25.35
CA VAL B 365 15.08 10.66 26.56
C VAL B 365 13.83 10.68 27.43
N ILE B 366 13.18 9.54 27.60
CA ILE B 366 11.97 9.44 28.46
C ILE B 366 12.44 9.35 29.91
N LEU B 367 12.16 10.41 30.68
CA LEU B 367 12.60 10.58 32.09
C LEU B 367 11.58 9.99 33.04
N SER B 368 10.31 9.97 32.67
CA SER B 368 9.22 9.41 33.52
C SER B 368 8.03 9.08 32.64
N PRO B 369 7.14 8.16 33.05
CA PRO B 369 7.19 7.54 34.38
C PRO B 369 8.39 6.57 34.55
N SER B 370 8.61 6.07 35.77
CA SER B 370 9.82 5.30 36.13
C SER B 370 9.91 4.04 35.25
N ASP B 371 8.80 3.36 35.03
CA ASP B 371 8.63 2.24 34.07
C ASP B 371 9.27 2.48 32.70
N SER B 372 8.88 3.57 32.07
CA SER B 372 9.36 3.97 30.73
C SER B 372 10.86 4.26 30.82
N PHE B 373 11.30 5.02 31.82
CA PHE B 373 12.74 5.28 32.01
C PHE B 373 13.51 3.95 32.10
N GLU B 374 13.04 3.02 32.92
CA GLU B 374 13.75 1.75 33.22
C GLU B 374 13.77 0.83 31.98
N GLU B 375 12.66 0.77 31.22
CA GLU B 375 12.61 -0.03 29.96
C GLU B 375 13.57 0.57 28.93
N ARG B 377 16.21 2.48 29.47
CA ARG B 377 17.60 2.31 29.94
C ARG B 377 18.07 0.88 29.60
N THR B 378 17.26 -0.13 29.91
CA THR B 378 17.53 -1.56 29.60
C THR B 378 17.70 -1.74 28.08
N LEU B 379 16.74 -1.27 27.27
CA LEU B 379 16.82 -1.43 25.80
C LEU B 379 18.15 -0.87 25.31
N TYR B 380 18.49 0.34 25.73
CA TYR B 380 19.68 1.07 25.21
C TYR B 380 20.95 0.44 25.77
N VAL B 381 21.01 0.11 27.08
CA VAL B 381 22.30 -0.38 27.66
C VAL B 381 22.56 -1.75 27.02
N GLU B 382 21.55 -2.63 26.91
CA GLU B 382 21.74 -3.99 26.37
C GLU B 382 22.01 -3.91 24.86
N GLY B 383 21.37 -2.95 24.17
CA GLY B 383 21.54 -2.71 22.72
C GLY B 383 22.95 -2.26 22.42
N ALA B 384 23.44 -1.29 23.21
CA ALA B 384 24.80 -0.72 23.10
C ALA B 384 25.82 -1.87 23.25
N ASP B 385 25.59 -2.72 24.23
CA ASP B 385 26.53 -3.83 24.54
C ASP B 385 26.52 -4.78 23.33
N ALA B 386 25.37 -5.02 22.70
CA ALA B 386 25.26 -5.90 21.51
C ALA B 386 26.05 -5.31 20.35
N TYR B 387 25.88 -4.02 20.05
CA TYR B 387 26.58 -3.36 18.93
C TYR B 387 28.09 -3.31 19.22
N ASN B 388 28.48 -2.95 20.44
CA ASN B 388 29.92 -2.90 20.85
C ASN B 388 30.54 -4.29 20.73
N ARG B 389 29.83 -5.35 21.10
CA ARG B 389 30.33 -6.75 21.05
C ARG B 389 30.84 -7.04 19.62
N GLU B 390 30.17 -6.56 18.57
CA GLU B 390 30.54 -6.84 17.15
C GLU B 390 31.85 -6.14 16.77
N VAL B 391 32.32 -5.14 17.52
CA VAL B 391 33.51 -4.32 17.17
C VAL B 391 34.77 -4.92 17.80
N GLU B 392 34.71 -5.32 19.08
CA GLU B 392 35.90 -5.50 19.98
C GLU B 392 36.68 -6.76 19.60
#